data_8BIF
#
_entry.id   8BIF
#
_cell.length_a   63.760
_cell.length_b   143.530
_cell.length_c   74.310
_cell.angle_alpha   90.000
_cell.angle_beta   92.050
_cell.angle_gamma   90.000
#
_symmetry.space_group_name_H-M   'P 1 21 1'
#
loop_
_entity.id
_entity.type
_entity.pdbx_description
1 polymer 'methyltransferase Plu4892'
2 non-polymer S-ADENOSYL-L-HOMOCYSTEINE
3 non-polymer 1,2-ETHANEDIOL
4 non-polymer 'CHLORIDE ION'
5 non-polymer 'SODIUM ION'
6 water water
#
_entity_poly.entity_id   1
_entity_poly.type   'polypeptide(L)'
_entity_poly.pdbx_seq_one_letter_code
;SMLAELITSYRKSIAIYTFVDTGLSVHFKNGTYMDINELASQYGIDYSRLNRLCDFLIEIGVLVSSNDRVALSEECRVLA
DPESMESLIAKWEFNSGLWNAWLMYPKSLLENNGKSAFEIANGKPFFEYLDSNKLLKSKFDSLMSKDSDKMIEKLFNVYD
FNQHDKILDVGGGEGNLLIRMSEKVKEKHYAVLDRYNELPDYGNINFIDGDFFKSIPSGYDLYILKNVIHDWPDNDAILI
LENCRKAMGNNATILLITLMKKPQSNIIKYFDILMDVSSLGKERDLTEFEYLANQAGLVIQDVKDIDESYSIIQLGVK
;
_entity_poly.pdbx_strand_id   A,B,C,D
#
# COMPACT_ATOMS: atom_id res chain seq x y z
N SER A 1 -26.99 3.42 12.19
CA SER A 1 -27.75 3.02 10.97
C SER A 1 -27.37 1.60 10.55
N MET A 2 -28.15 0.98 9.67
CA MET A 2 -27.88 -0.37 9.10
C MET A 2 -26.48 -0.37 8.45
N LEU A 3 -26.15 0.68 7.70
CA LEU A 3 -24.87 0.77 6.96
C LEU A 3 -23.71 0.92 7.94
N ALA A 4 -23.85 1.78 8.95
CA ALA A 4 -22.85 1.96 10.04
C ALA A 4 -22.56 0.59 10.68
N GLU A 5 -23.61 -0.18 10.99
CA GLU A 5 -23.54 -1.54 11.60
C GLU A 5 -22.75 -2.49 10.70
N LEU A 6 -23.02 -2.49 9.39
CA LEU A 6 -22.33 -3.38 8.41
C LEU A 6 -20.83 -3.04 8.42
N ILE A 7 -20.49 -1.74 8.40
CA ILE A 7 -19.09 -1.25 8.29
C ILE A 7 -18.29 -1.70 9.53
N THR A 8 -18.91 -1.75 10.71
CA THR A 8 -18.23 -2.04 12.01
C THR A 8 -18.43 -3.52 12.40
N SER A 9 -19.13 -4.30 11.59
CA SER A 9 -19.45 -5.75 11.82
C SER A 9 -18.17 -6.56 12.10
N TYR A 10 -17.05 -6.20 11.45
CA TYR A 10 -15.75 -6.91 11.56
C TYR A 10 -15.30 -6.98 13.03
N ARG A 11 -15.71 -6.02 13.86
CA ARG A 11 -15.33 -5.95 15.30
C ARG A 11 -15.97 -7.12 16.05
N LYS A 12 -17.15 -7.58 15.62
CA LYS A 12 -17.83 -8.76 16.21
C LYS A 12 -16.97 -9.99 15.96
N SER A 13 -16.47 -10.15 14.73
CA SER A 13 -15.56 -11.24 14.31
C SER A 13 -14.28 -11.23 15.17
N ILE A 14 -13.69 -10.05 15.37
CA ILE A 14 -12.41 -9.87 16.12
C ILE A 14 -12.63 -10.18 17.60
N ALA A 15 -13.79 -9.81 18.16
CA ALA A 15 -14.15 -10.07 19.57
C ALA A 15 -14.13 -11.58 19.82
N ILE A 16 -14.69 -12.36 18.89
CA ILE A 16 -14.76 -13.85 18.98
C ILE A 16 -13.35 -14.44 18.84
N TYR A 17 -12.59 -13.95 17.84
CA TYR A 17 -11.18 -14.33 17.58
C TYR A 17 -10.35 -14.14 18.86
N THR A 18 -10.53 -13.01 19.52
CA THR A 18 -9.79 -12.60 20.75
C THR A 18 -10.11 -13.56 21.90
N PHE A 19 -11.40 -13.85 22.10
CA PHE A 19 -11.91 -14.73 23.18
C PHE A 19 -11.24 -16.11 23.06
N VAL A 20 -11.08 -16.61 21.83
CA VAL A 20 -10.43 -17.92 21.55
C VAL A 20 -8.91 -17.77 21.68
N ASP A 21 -8.32 -16.77 21.01
CA ASP A 21 -6.84 -16.63 20.89
C ASP A 21 -6.20 -16.44 22.27
N THR A 22 -6.88 -15.78 23.22
CA THR A 22 -6.37 -15.53 24.59
C THR A 22 -6.29 -16.84 25.41
N GLY A 23 -7.00 -17.89 24.97
CA GLY A 23 -7.07 -19.20 25.65
C GLY A 23 -8.23 -19.27 26.64
N LEU A 24 -9.04 -18.21 26.73
CA LEU A 24 -10.16 -18.11 27.72
C LEU A 24 -11.30 -19.08 27.35
N SER A 25 -11.56 -19.26 26.05
CA SER A 25 -12.76 -19.95 25.50
C SER A 25 -12.94 -21.33 26.14
N VAL A 26 -11.85 -22.09 26.33
CA VAL A 26 -11.90 -23.53 26.73
C VAL A 26 -12.28 -23.68 28.21
N HIS A 27 -12.42 -22.58 28.96
CA HIS A 27 -12.88 -22.58 30.37
C HIS A 27 -14.41 -22.55 30.46
N PHE A 28 -15.12 -22.50 29.32
CA PHE A 28 -16.59 -22.24 29.25
C PHE A 28 -17.33 -23.46 28.70
N LYS A 29 -16.79 -24.67 28.92
CA LYS A 29 -17.35 -25.95 28.39
C LYS A 29 -18.72 -26.21 29.04
N ASN A 30 -19.69 -26.67 28.23
CA ASN A 30 -21.02 -27.13 28.68
C ASN A 30 -21.81 -25.97 29.30
N GLY A 31 -21.63 -24.75 28.76
CA GLY A 31 -22.34 -23.53 29.19
C GLY A 31 -22.15 -23.22 30.67
N THR A 32 -21.00 -23.62 31.24
CA THR A 32 -20.62 -23.35 32.65
C THR A 32 -20.37 -21.84 32.83
N TYR A 33 -20.66 -21.31 34.01
CA TYR A 33 -20.51 -19.87 34.34
C TYR A 33 -19.17 -19.63 35.05
N MET A 34 -18.43 -18.60 34.62
CA MET A 34 -17.06 -18.30 35.10
C MET A 34 -17.02 -16.89 35.73
N ASP A 35 -16.17 -16.72 36.74
CA ASP A 35 -15.84 -15.42 37.37
C ASP A 35 -14.75 -14.74 36.53
N ILE A 36 -15.05 -13.59 35.93
CA ILE A 36 -14.12 -12.82 35.03
C ILE A 36 -12.88 -12.41 35.85
N ASN A 37 -13.08 -11.95 37.09
CA ASN A 37 -11.99 -11.61 38.05
C ASN A 37 -10.96 -12.76 38.10
N GLU A 38 -11.45 -13.98 38.30
CA GLU A 38 -10.62 -15.21 38.43
C GLU A 38 -9.84 -15.44 37.14
N LEU A 39 -10.51 -15.42 35.99
CA LEU A 39 -9.91 -15.62 34.65
C LEU A 39 -8.81 -14.57 34.42
N ALA A 40 -9.11 -13.30 34.69
CA ALA A 40 -8.18 -12.15 34.52
C ALA A 40 -6.88 -12.41 35.30
N SER A 41 -7.01 -12.87 36.55
CA SER A 41 -5.88 -13.16 37.48
C SER A 41 -5.02 -14.30 36.91
N GLN A 42 -5.65 -15.41 36.52
CA GLN A 42 -4.99 -16.62 35.94
C GLN A 42 -4.11 -16.23 34.75
N TYR A 43 -4.62 -15.40 33.84
CA TYR A 43 -4.04 -15.14 32.50
C TYR A 43 -3.23 -13.83 32.49
N GLY A 44 -3.17 -13.13 33.62
CA GLY A 44 -2.44 -11.85 33.76
C GLY A 44 -3.01 -10.78 32.84
N ILE A 45 -4.33 -10.78 32.65
CA ILE A 45 -5.08 -9.75 31.88
C ILE A 45 -5.65 -8.74 32.88
N ASP A 46 -5.65 -7.44 32.53
CA ASP A 46 -6.30 -6.38 33.33
C ASP A 46 -7.80 -6.67 33.41
N TYR A 47 -8.35 -6.82 34.62
CA TYR A 47 -9.76 -7.22 34.85
C TYR A 47 -10.70 -6.33 34.03
N SER A 48 -10.55 -5.01 34.20
CA SER A 48 -11.43 -3.97 33.60
C SER A 48 -11.47 -4.11 32.07
N ARG A 49 -10.31 -4.29 31.45
CA ARG A 49 -10.17 -4.46 29.97
C ARG A 49 -10.85 -5.77 29.53
N LEU A 50 -10.67 -6.85 30.30
CA LEU A 50 -11.29 -8.17 30.01
C LEU A 50 -12.81 -8.06 30.16
N ASN A 51 -13.29 -7.37 31.21
CA ASN A 51 -14.73 -7.17 31.51
C ASN A 51 -15.39 -6.41 30.34
N ARG A 52 -14.71 -5.41 29.79
CA ARG A 52 -15.20 -4.57 28.66
C ARG A 52 -15.33 -5.44 27.41
N LEU A 53 -14.39 -6.35 27.16
CA LEU A 53 -14.47 -7.35 26.06
C LEU A 53 -15.69 -8.24 26.28
N CYS A 54 -15.88 -8.77 27.50
CA CYS A 54 -17.03 -9.64 27.86
C CYS A 54 -18.35 -8.87 27.68
N ASP A 55 -18.41 -7.59 28.08
CA ASP A 55 -19.62 -6.74 27.92
C ASP A 55 -19.99 -6.65 26.44
N PHE A 56 -19.00 -6.48 25.55
CA PHE A 56 -19.20 -6.44 24.08
C PHE A 56 -19.70 -7.80 23.59
N LEU A 57 -19.09 -8.89 24.06
CA LEU A 57 -19.49 -10.28 23.70
C LEU A 57 -20.91 -10.59 24.20
N ILE A 58 -21.32 -10.02 25.33
CA ILE A 58 -22.72 -10.10 25.85
C ILE A 58 -23.65 -9.36 24.88
N GLU A 59 -23.26 -8.16 24.46
CA GLU A 59 -24.07 -7.28 23.56
C GLU A 59 -24.37 -8.01 22.24
N ILE A 60 -23.41 -8.78 21.71
CA ILE A 60 -23.53 -9.45 20.37
C ILE A 60 -23.99 -10.90 20.55
N GLY A 61 -24.31 -11.34 21.77
CA GLY A 61 -25.02 -12.60 22.04
C GLY A 61 -24.10 -13.81 22.11
N VAL A 62 -22.79 -13.61 22.25
CA VAL A 62 -21.80 -14.72 22.39
C VAL A 62 -21.78 -15.18 23.85
N LEU A 63 -21.80 -14.24 24.80
CA LEU A 63 -21.83 -14.53 26.25
C LEU A 63 -23.19 -14.12 26.84
N VAL A 64 -23.59 -14.77 27.93
CA VAL A 64 -24.73 -14.36 28.80
C VAL A 64 -24.19 -14.11 30.20
N SER A 65 -24.89 -13.28 30.98
CA SER A 65 -24.49 -12.85 32.34
C SER A 65 -25.53 -13.32 33.36
N SER A 66 -25.09 -13.66 34.57
CA SER A 66 -25.92 -14.04 35.73
C SER A 66 -25.11 -13.90 37.02
N ASN A 67 -25.51 -12.97 37.89
CA ASN A 67 -24.92 -12.74 39.24
C ASN A 67 -23.39 -12.58 39.12
N ASP A 68 -22.96 -11.67 38.25
CA ASP A 68 -21.53 -11.28 38.04
C ASP A 68 -20.73 -12.49 37.55
N ARG A 69 -21.36 -13.40 36.81
CA ARG A 69 -20.70 -14.59 36.19
C ARG A 69 -21.14 -14.68 34.73
N VAL A 70 -20.24 -15.13 33.85
CA VAL A 70 -20.48 -15.16 32.38
C VAL A 70 -20.32 -16.59 31.87
N ALA A 71 -21.23 -16.99 30.97
CA ALA A 71 -21.20 -18.28 30.23
C ALA A 71 -21.38 -17.98 28.74
N LEU A 72 -20.96 -18.92 27.89
CA LEU A 72 -21.29 -18.91 26.46
C LEU A 72 -22.80 -19.07 26.32
N SER A 73 -23.43 -18.29 25.43
CA SER A 73 -24.87 -18.41 25.10
C SER A 73 -25.11 -19.82 24.52
N GLU A 74 -26.37 -20.24 24.46
CA GLU A 74 -26.79 -21.58 23.97
C GLU A 74 -26.21 -21.81 22.57
N GLU A 75 -26.29 -20.81 21.69
CA GLU A 75 -25.93 -20.91 20.25
C GLU A 75 -24.41 -20.88 20.06
N CYS A 76 -23.65 -20.44 21.07
CA CYS A 76 -22.17 -20.22 20.97
C CYS A 76 -21.40 -21.17 21.89
N ARG A 77 -22.07 -22.19 22.45
CA ARG A 77 -21.48 -23.16 23.41
C ARG A 77 -20.32 -23.92 22.76
N VAL A 78 -20.41 -24.18 21.45
CA VAL A 78 -19.40 -24.94 20.65
C VAL A 78 -18.03 -24.25 20.72
N LEU A 79 -17.99 -22.96 21.04
CA LEU A 79 -16.75 -22.13 21.07
C LEU A 79 -15.82 -22.58 22.20
N ALA A 80 -16.33 -23.30 23.21
CA ALA A 80 -15.55 -23.86 24.34
C ALA A 80 -14.86 -25.17 23.92
N ASP A 81 -15.35 -25.82 22.86
CA ASP A 81 -14.76 -27.06 22.30
C ASP A 81 -13.69 -26.66 21.28
N PRO A 82 -12.39 -26.94 21.54
CA PRO A 82 -11.33 -26.52 20.61
C PRO A 82 -11.36 -27.24 19.26
N GLU A 83 -12.13 -28.34 19.15
CA GLU A 83 -12.22 -29.17 17.92
C GLU A 83 -13.54 -28.91 17.19
N SER A 84 -14.39 -28.01 17.69
CA SER A 84 -15.62 -27.56 16.99
C SER A 84 -15.24 -26.87 15.69
N MET A 85 -16.12 -26.89 14.69
CA MET A 85 -15.91 -26.18 13.39
C MET A 85 -15.62 -24.71 13.69
N GLU A 86 -16.42 -24.09 14.55
CA GLU A 86 -16.40 -22.62 14.83
C GLU A 86 -15.06 -22.25 15.49
N SER A 87 -14.56 -23.07 16.42
CA SER A 87 -13.25 -22.86 17.10
C SER A 87 -12.12 -22.94 16.07
N LEU A 88 -12.16 -23.95 15.20
CA LEU A 88 -11.11 -24.20 14.16
C LEU A 88 -11.10 -23.05 13.14
N ILE A 89 -12.27 -22.52 12.76
CA ILE A 89 -12.38 -21.30 11.91
C ILE A 89 -11.72 -20.13 12.67
N ALA A 90 -12.10 -19.91 13.93
CA ALA A 90 -11.59 -18.81 14.78
C ALA A 90 -10.07 -18.87 14.90
N LYS A 91 -9.46 -20.06 14.82
CA LYS A 91 -7.99 -20.26 14.99
C LYS A 91 -7.26 -20.19 13.65
N TRP A 92 -7.99 -20.21 12.53
CA TRP A 92 -7.40 -20.15 11.16
C TRP A 92 -7.67 -18.78 10.51
N GLU A 93 -8.95 -18.35 10.52
CA GLU A 93 -9.52 -17.30 9.64
C GLU A 93 -8.74 -15.98 9.75
N PHE A 94 -8.22 -15.66 10.93
CA PHE A 94 -7.67 -14.31 11.26
C PHE A 94 -6.15 -14.31 11.20
N ASN A 95 -5.54 -15.35 10.62
CA ASN A 95 -4.08 -15.39 10.34
C ASN A 95 -3.74 -14.12 9.54
N SER A 96 -2.57 -13.53 9.82
CA SER A 96 -2.13 -12.21 9.30
C SER A 96 -2.16 -12.18 7.76
N GLY A 97 -1.83 -13.30 7.12
CA GLY A 97 -1.81 -13.44 5.65
C GLY A 97 -3.18 -13.22 5.04
N LEU A 98 -4.18 -13.97 5.50
CA LEU A 98 -5.57 -13.90 4.97
C LEU A 98 -6.22 -12.58 5.37
N TRP A 99 -5.99 -12.13 6.60
CA TRP A 99 -6.56 -10.86 7.14
C TRP A 99 -6.15 -9.69 6.24
N ASN A 100 -4.86 -9.63 5.86
CA ASN A 100 -4.30 -8.51 5.05
C ASN A 100 -4.70 -8.67 3.57
N ALA A 101 -4.98 -9.89 3.11
CA ALA A 101 -5.47 -10.16 1.73
C ALA A 101 -6.68 -9.28 1.42
N TRP A 102 -7.63 -9.17 2.36
CA TRP A 102 -8.93 -8.45 2.21
C TRP A 102 -8.70 -6.98 1.84
N LEU A 103 -7.67 -6.33 2.40
CA LEU A 103 -7.35 -4.90 2.12
C LEU A 103 -6.97 -4.73 0.64
N MET A 104 -6.45 -5.78 0.00
CA MET A 104 -5.95 -5.74 -1.40
C MET A 104 -7.02 -6.24 -2.39
N TYR A 105 -8.25 -6.47 -1.93
CA TYR A 105 -9.39 -6.88 -2.79
C TYR A 105 -9.66 -5.81 -3.84
N PRO A 106 -9.77 -4.51 -3.47
CA PRO A 106 -9.98 -3.45 -4.44
C PRO A 106 -8.88 -3.41 -5.52
N LYS A 107 -7.61 -3.45 -5.09
CA LYS A 107 -6.43 -3.42 -6.01
C LYS A 107 -6.48 -4.63 -6.94
N SER A 108 -6.80 -5.83 -6.43
CA SER A 108 -6.86 -7.08 -7.23
C SER A 108 -7.93 -6.96 -8.33
N LEU A 109 -9.03 -6.24 -8.04
CA LEU A 109 -10.15 -6.03 -9.01
C LEU A 109 -9.70 -5.08 -10.13
N LEU A 110 -8.97 -4.02 -9.76
CA LEU A 110 -8.59 -2.92 -10.69
C LEU A 110 -7.37 -3.32 -11.54
N GLU A 111 -6.50 -4.20 -11.03
CA GLU A 111 -5.22 -4.57 -11.72
C GLU A 111 -5.53 -5.57 -12.84
N ASN A 112 -6.29 -6.62 -12.54
CA ASN A 112 -6.77 -7.62 -13.53
C ASN A 112 -5.54 -8.29 -14.18
N ASN A 113 -4.53 -8.61 -13.38
CA ASN A 113 -3.19 -9.10 -13.84
C ASN A 113 -3.02 -10.59 -13.50
N GLY A 114 -4.09 -11.24 -13.04
CA GLY A 114 -4.08 -12.69 -12.69
C GLY A 114 -3.48 -12.94 -11.33
N LYS A 115 -3.27 -11.90 -10.51
CA LYS A 115 -2.76 -12.00 -9.12
C LYS A 115 -3.91 -11.76 -8.13
N SER A 116 -4.17 -12.74 -7.26
CA SER A 116 -5.17 -12.67 -6.16
C SER A 116 -4.78 -11.55 -5.20
N ALA A 117 -5.76 -11.00 -4.48
CA ALA A 117 -5.57 -10.05 -3.35
C ALA A 117 -4.56 -10.64 -2.36
N PHE A 118 -4.64 -11.96 -2.11
CA PHE A 118 -3.74 -12.68 -1.17
C PHE A 118 -2.28 -12.55 -1.63
N GLU A 119 -2.01 -12.82 -2.92
CA GLU A 119 -0.63 -12.77 -3.48
C GLU A 119 -0.12 -11.33 -3.49
N ILE A 120 -0.98 -10.36 -3.80
CA ILE A 120 -0.62 -8.91 -3.74
C ILE A 120 -0.19 -8.57 -2.30
N ALA A 121 -0.99 -8.98 -1.31
CA ALA A 121 -0.77 -8.68 0.13
C ALA A 121 0.51 -9.36 0.64
N ASN A 122 0.77 -10.60 0.22
CA ASN A 122 1.74 -11.51 0.89
C ASN A 122 2.94 -11.84 -0.01
N GLY A 123 2.91 -11.45 -1.29
CA GLY A 123 4.02 -11.68 -2.25
C GLY A 123 4.17 -13.13 -2.66
N LYS A 124 3.24 -14.00 -2.25
CA LYS A 124 3.21 -15.45 -2.57
C LYS A 124 1.76 -15.88 -2.80
N PRO A 125 1.48 -16.81 -3.73
CA PRO A 125 0.16 -17.45 -3.80
C PRO A 125 -0.18 -18.20 -2.50
N PHE A 126 -1.48 -18.37 -2.23
CA PHE A 126 -2.06 -18.95 -0.98
C PHE A 126 -1.32 -20.23 -0.58
N PHE A 127 -1.27 -21.24 -1.46
CA PHE A 127 -0.72 -22.58 -1.13
C PHE A 127 0.82 -22.56 -1.02
N GLU A 128 1.50 -21.61 -1.67
CA GLU A 128 2.97 -21.39 -1.49
C GLU A 128 3.20 -20.84 -0.07
N TYR A 129 2.33 -19.93 0.37
CA TYR A 129 2.35 -19.30 1.72
C TYR A 129 2.18 -20.38 2.79
N LEU A 130 1.23 -21.30 2.61
CA LEU A 130 1.00 -22.44 3.53
C LEU A 130 2.21 -23.37 3.53
N ASP A 131 2.82 -23.60 2.37
CA ASP A 131 4.00 -24.48 2.18
C ASP A 131 5.19 -23.96 3.01
N SER A 132 5.24 -22.64 3.28
CA SER A 132 6.35 -21.94 3.97
C SER A 132 6.08 -21.76 5.47
N ASN A 133 4.88 -22.05 5.96
N ASN A 133 4.88 -22.05 5.96
CA ASN A 133 4.47 -21.89 7.38
CA ASN A 133 4.49 -21.89 7.39
C ASN A 133 3.81 -23.17 7.89
C ASN A 133 3.81 -23.18 7.88
N LYS A 134 4.57 -24.03 8.57
CA LYS A 134 4.14 -25.37 9.05
C LYS A 134 2.94 -25.26 10.00
N LEU A 135 3.03 -24.37 11.01
CA LEU A 135 1.98 -24.24 12.06
C LEU A 135 0.68 -23.72 11.42
N LEU A 136 0.76 -22.73 10.52
CA LEU A 136 -0.43 -22.16 9.87
C LEU A 136 -1.09 -23.21 8.97
N LYS A 137 -0.28 -24.01 8.27
CA LYS A 137 -0.78 -25.11 7.40
C LYS A 137 -1.58 -26.12 8.24
N SER A 138 -1.07 -26.52 9.40
CA SER A 138 -1.71 -27.51 10.29
C SER A 138 -3.08 -26.98 10.76
N LYS A 139 -3.19 -25.66 10.98
CA LYS A 139 -4.46 -25.00 11.38
C LYS A 139 -5.46 -25.05 10.21
N PHE A 140 -5.00 -24.79 8.98
CA PHE A 140 -5.83 -24.88 7.75
C PHE A 140 -6.24 -26.35 7.54
N ASP A 141 -5.26 -27.25 7.56
CA ASP A 141 -5.44 -28.71 7.35
C ASP A 141 -6.46 -29.26 8.36
N SER A 142 -6.33 -28.87 9.64
CA SER A 142 -7.26 -29.28 10.74
C SER A 142 -8.69 -28.83 10.41
N LEU A 143 -8.87 -27.59 9.93
CA LEU A 143 -10.19 -27.03 9.56
C LEU A 143 -10.79 -27.85 8.41
N MET A 144 -10.00 -28.17 7.39
CA MET A 144 -10.45 -28.97 6.21
C MET A 144 -10.89 -30.37 6.69
N SER A 145 -10.13 -31.00 7.58
CA SER A 145 -10.44 -32.34 8.15
C SER A 145 -11.80 -32.31 8.85
N LYS A 146 -12.11 -31.23 9.58
CA LYS A 146 -13.39 -31.07 10.32
C LYS A 146 -14.56 -31.02 9.32
N ASP A 147 -14.34 -30.42 8.14
CA ASP A 147 -15.35 -30.36 7.06
C ASP A 147 -15.69 -31.79 6.61
N SER A 148 -14.68 -32.66 6.48
CA SER A 148 -14.85 -34.09 6.11
C SER A 148 -15.61 -34.83 7.21
N ASP A 149 -15.31 -34.54 8.49
CA ASP A 149 -16.01 -35.12 9.66
C ASP A 149 -17.50 -34.83 9.55
N LYS A 150 -17.87 -33.60 9.20
CA LYS A 150 -19.27 -33.10 9.19
C LYS A 150 -20.05 -33.68 8.00
N MET A 151 -19.36 -34.10 6.93
CA MET A 151 -19.99 -34.45 5.64
C MET A 151 -20.04 -35.97 5.42
N ILE A 152 -19.21 -36.76 6.11
CA ILE A 152 -18.95 -38.19 5.73
C ILE A 152 -20.27 -38.98 5.72
N GLU A 153 -21.14 -38.79 6.73
CA GLU A 153 -22.42 -39.55 6.87
C GLU A 153 -23.35 -39.16 5.71
N LYS A 154 -23.47 -37.87 5.42
CA LYS A 154 -24.22 -37.34 4.24
C LYS A 154 -23.67 -37.98 2.96
N LEU A 155 -22.34 -38.10 2.86
CA LEU A 155 -21.64 -38.60 1.65
C LEU A 155 -21.99 -40.07 1.40
N PHE A 156 -21.93 -40.91 2.43
CA PHE A 156 -22.24 -42.37 2.37
C PHE A 156 -23.63 -42.59 1.75
N ASN A 157 -24.58 -41.71 2.07
CA ASN A 157 -26.02 -41.85 1.70
C ASN A 157 -26.21 -41.60 0.20
N VAL A 158 -25.35 -40.78 -0.42
CA VAL A 158 -25.54 -40.28 -1.82
C VAL A 158 -24.64 -41.06 -2.80
N TYR A 159 -23.61 -41.75 -2.32
CA TYR A 159 -22.64 -42.48 -3.18
C TYR A 159 -22.17 -43.78 -2.51
N ASP A 160 -22.12 -44.86 -3.30
CA ASP A 160 -21.64 -46.20 -2.89
C ASP A 160 -20.14 -46.29 -3.17
N PHE A 161 -19.31 -46.06 -2.15
CA PHE A 161 -17.82 -46.09 -2.23
C PHE A 161 -17.32 -47.54 -2.23
N ASN A 162 -18.15 -48.48 -1.76
CA ASN A 162 -17.77 -49.92 -1.60
C ASN A 162 -17.66 -50.59 -2.97
N GLN A 163 -18.20 -49.98 -4.03
CA GLN A 163 -18.13 -50.49 -5.43
C GLN A 163 -16.70 -50.32 -5.97
N HIS A 164 -15.87 -49.51 -5.31
CA HIS A 164 -14.48 -49.15 -5.74
C HIS A 164 -13.47 -49.97 -4.93
N ASP A 165 -12.31 -50.25 -5.52
CA ASP A 165 -11.21 -51.06 -4.91
C ASP A 165 -10.01 -50.15 -4.58
N LYS A 166 -9.64 -49.27 -5.52
CA LYS A 166 -8.49 -48.33 -5.39
C LYS A 166 -9.01 -46.89 -5.49
N ILE A 167 -8.85 -46.12 -4.41
CA ILE A 167 -9.42 -44.75 -4.24
C ILE A 167 -8.28 -43.77 -3.95
N LEU A 168 -8.16 -42.72 -4.78
CA LEU A 168 -7.18 -41.61 -4.58
C LEU A 168 -7.94 -40.33 -4.23
N ASP A 169 -7.60 -39.74 -3.07
CA ASP A 169 -8.10 -38.43 -2.60
C ASP A 169 -7.17 -37.33 -3.15
N VAL A 170 -7.56 -36.71 -4.26
CA VAL A 170 -6.73 -35.71 -5.00
C VAL A 170 -6.84 -34.36 -4.29
N GLY A 171 -5.75 -33.88 -3.68
CA GLY A 171 -5.75 -32.71 -2.79
C GLY A 171 -6.48 -33.00 -1.48
N GLY A 172 -6.20 -34.16 -0.87
CA GLY A 172 -6.88 -34.65 0.34
C GLY A 172 -6.27 -34.16 1.64
N GLY A 173 -5.15 -33.43 1.59
CA GLY A 173 -4.47 -32.90 2.79
C GLY A 173 -4.13 -33.98 3.79
N GLU A 174 -4.66 -33.91 5.01
CA GLU A 174 -4.40 -34.89 6.10
C GLU A 174 -5.02 -36.25 5.76
N GLY A 175 -5.89 -36.29 4.75
CA GLY A 175 -6.51 -37.54 4.28
C GLY A 175 -7.67 -37.96 5.16
N ASN A 176 -8.28 -37.01 5.88
CA ASN A 176 -9.35 -37.30 6.87
C ASN A 176 -10.60 -37.85 6.18
N LEU A 177 -10.91 -37.41 4.94
CA LEU A 177 -12.04 -37.99 4.16
C LEU A 177 -11.88 -39.51 4.11
N LEU A 178 -10.69 -40.01 3.76
CA LEU A 178 -10.44 -41.46 3.58
C LEU A 178 -10.32 -42.14 4.95
N ILE A 179 -9.74 -41.46 5.95
CA ILE A 179 -9.65 -41.97 7.35
C ILE A 179 -11.07 -42.29 7.83
N ARG A 180 -11.99 -41.32 7.72
CA ARG A 180 -13.41 -41.49 8.11
C ARG A 180 -14.08 -42.54 7.21
N MET A 181 -13.82 -42.50 5.91
CA MET A 181 -14.39 -43.47 4.92
C MET A 181 -13.97 -44.89 5.30
N SER A 182 -12.71 -45.09 5.71
CA SER A 182 -12.11 -46.42 6.02
C SER A 182 -12.79 -47.10 7.21
N GLU A 183 -13.57 -46.34 8.01
CA GLU A 183 -14.25 -46.86 9.23
C GLU A 183 -15.43 -47.76 8.83
N LYS A 184 -16.13 -47.44 7.73
CA LYS A 184 -17.29 -48.24 7.22
C LYS A 184 -16.87 -49.05 5.98
N VAL A 185 -16.05 -48.47 5.10
CA VAL A 185 -15.66 -49.08 3.79
C VAL A 185 -14.27 -49.73 3.94
N LYS A 186 -14.23 -51.06 3.95
CA LYS A 186 -13.06 -51.88 4.39
C LYS A 186 -12.33 -52.49 3.18
N GLU A 187 -11.08 -52.92 3.38
CA GLU A 187 -10.28 -53.73 2.43
C GLU A 187 -10.13 -52.97 1.10
N LYS A 188 -9.70 -51.71 1.15
CA LYS A 188 -9.47 -50.85 -0.04
C LYS A 188 -8.01 -50.41 -0.08
N HIS A 189 -7.53 -50.05 -1.27
CA HIS A 189 -6.27 -49.28 -1.49
C HIS A 189 -6.60 -47.80 -1.41
N TYR A 190 -6.38 -47.20 -0.24
CA TYR A 190 -6.61 -45.76 0.04
C TYR A 190 -5.30 -44.99 -0.18
N ALA A 191 -5.35 -43.92 -0.96
CA ALA A 191 -4.18 -43.05 -1.27
C ALA A 191 -4.63 -41.58 -1.31
N VAL A 192 -3.74 -40.69 -0.89
CA VAL A 192 -3.99 -39.21 -0.85
C VAL A 192 -2.85 -38.52 -1.60
N LEU A 193 -3.19 -37.66 -2.55
CA LEU A 193 -2.24 -36.76 -3.25
C LEU A 193 -2.37 -35.35 -2.67
N ASP A 194 -1.27 -34.78 -2.21
CA ASP A 194 -1.20 -33.35 -1.80
C ASP A 194 0.26 -32.90 -1.83
N ARG A 195 0.50 -31.65 -1.44
CA ARG A 195 1.86 -31.08 -1.26
C ARG A 195 2.22 -31.22 0.23
N TYR A 196 3.30 -31.95 0.54
CA TYR A 196 3.74 -32.26 1.92
C TYR A 196 5.20 -31.88 2.10
N ASN A 197 5.51 -31.07 3.13
CA ASN A 197 6.89 -30.80 3.60
C ASN A 197 7.43 -32.07 4.25
N GLU A 198 6.58 -32.77 5.00
CA GLU A 198 6.82 -34.14 5.52
C GLU A 198 5.57 -34.99 5.21
N LEU A 199 5.75 -36.20 4.67
CA LEU A 199 4.64 -37.17 4.44
C LEU A 199 4.00 -37.49 5.78
N PRO A 200 2.66 -37.35 5.92
CA PRO A 200 1.96 -37.84 7.10
C PRO A 200 1.86 -39.37 7.04
N ASP A 201 1.55 -39.99 8.19
CA ASP A 201 1.33 -41.46 8.32
C ASP A 201 -0.03 -41.67 8.98
N TYR A 202 -0.83 -42.62 8.47
CA TYR A 202 -2.10 -43.05 9.09
C TYR A 202 -2.53 -44.41 8.53
N GLY A 203 -2.61 -45.41 9.41
CA GLY A 203 -2.98 -46.80 9.05
C GLY A 203 -2.20 -47.26 7.83
N ASN A 204 -2.90 -47.73 6.78
CA ASN A 204 -2.30 -48.19 5.51
C ASN A 204 -2.65 -47.22 4.38
N ILE A 205 -2.93 -45.95 4.71
CA ILE A 205 -3.17 -44.87 3.72
C ILE A 205 -1.84 -44.54 3.04
N ASN A 206 -1.81 -44.63 1.71
CA ASN A 206 -0.64 -44.27 0.86
C ASN A 206 -0.68 -42.75 0.60
N PHE A 207 0.09 -41.98 1.38
CA PHE A 207 0.26 -40.52 1.18
C PHE A 207 1.32 -40.29 0.10
N ILE A 208 0.95 -39.59 -0.96
CA ILE A 208 1.81 -39.25 -2.14
C ILE A 208 2.06 -37.74 -2.13
N ASP A 209 3.33 -37.33 -2.04
CA ASP A 209 3.76 -35.92 -2.24
C ASP A 209 3.84 -35.65 -3.74
N GLY A 210 3.02 -34.72 -4.25
CA GLY A 210 2.98 -34.40 -5.68
C GLY A 210 2.40 -33.03 -5.95
N ASP A 211 1.80 -32.88 -7.13
CA ASP A 211 1.31 -31.60 -7.68
C ASP A 211 0.31 -31.93 -8.78
N PHE A 212 -0.99 -31.68 -8.56
CA PHE A 212 -2.07 -32.11 -9.51
C PHE A 212 -2.01 -31.27 -10.81
N PHE A 213 -1.21 -30.21 -10.86
CA PHE A 213 -0.95 -29.42 -12.09
C PHE A 213 0.08 -30.12 -12.99
N LYS A 214 0.91 -30.99 -12.41
CA LYS A 214 2.00 -31.72 -13.11
C LYS A 214 1.48 -33.07 -13.61
N SER A 215 0.99 -33.92 -12.69
CA SER A 215 0.50 -35.28 -12.99
C SER A 215 -0.38 -35.82 -11.87
N ILE A 216 -1.18 -36.84 -12.18
CA ILE A 216 -2.06 -37.56 -11.21
C ILE A 216 -1.65 -39.04 -11.27
N PRO A 217 -1.40 -39.70 -10.12
CA PRO A 217 -1.09 -41.12 -10.10
C PRO A 217 -2.16 -41.96 -10.83
N SER A 218 -1.72 -42.85 -11.72
CA SER A 218 -2.60 -43.73 -12.53
C SER A 218 -2.97 -44.96 -11.70
N GLY A 219 -3.96 -45.74 -12.17
CA GLY A 219 -4.27 -47.08 -11.65
C GLY A 219 -5.30 -47.09 -10.54
N TYR A 220 -5.95 -45.95 -10.26
CA TYR A 220 -7.09 -45.84 -9.30
C TYR A 220 -8.40 -45.84 -10.08
N ASP A 221 -9.43 -46.49 -9.53
CA ASP A 221 -10.76 -46.62 -10.19
C ASP A 221 -11.68 -45.50 -9.70
N LEU A 222 -11.34 -44.85 -8.58
CA LEU A 222 -12.03 -43.63 -8.09
C LEU A 222 -11.01 -42.54 -7.77
N TYR A 223 -11.19 -41.36 -8.38
CA TYR A 223 -10.47 -40.10 -8.10
C TYR A 223 -11.44 -39.10 -7.46
N ILE A 224 -11.16 -38.69 -6.21
CA ILE A 224 -12.03 -37.75 -5.44
C ILE A 224 -11.37 -36.37 -5.44
N LEU A 225 -12.12 -35.34 -5.86
CA LEU A 225 -11.75 -33.91 -5.76
C LEU A 225 -12.75 -33.20 -4.84
N LYS A 226 -12.44 -33.13 -3.55
CA LYS A 226 -13.29 -32.47 -2.53
C LYS A 226 -12.73 -31.09 -2.20
N ASN A 227 -13.54 -30.05 -2.38
CA ASN A 227 -13.21 -28.63 -2.05
C ASN A 227 -11.85 -28.26 -2.66
N VAL A 228 -11.62 -28.68 -3.92
CA VAL A 228 -10.38 -28.38 -4.69
C VAL A 228 -10.72 -27.41 -5.82
N ILE A 229 -11.70 -27.76 -6.67
CA ILE A 229 -11.97 -27.08 -7.97
C ILE A 229 -12.33 -25.60 -7.73
N HIS A 230 -13.04 -25.28 -6.64
CA HIS A 230 -13.52 -23.90 -6.36
C HIS A 230 -12.35 -22.97 -6.01
N ASP A 231 -11.16 -23.52 -5.71
CA ASP A 231 -9.94 -22.72 -5.39
C ASP A 231 -9.36 -22.08 -6.64
N TRP A 232 -9.73 -22.54 -7.84
CA TRP A 232 -8.93 -22.34 -9.08
C TRP A 232 -9.69 -21.60 -10.17
N PRO A 233 -9.02 -20.67 -10.88
CA PRO A 233 -9.54 -20.12 -12.14
C PRO A 233 -9.79 -21.25 -13.15
N ASP A 234 -10.62 -20.99 -14.16
CA ASP A 234 -11.11 -21.99 -15.14
C ASP A 234 -9.94 -22.80 -15.71
N ASN A 235 -8.92 -22.13 -16.25
CA ASN A 235 -7.78 -22.78 -16.96
C ASN A 235 -7.05 -23.73 -16.00
N ASP A 236 -6.83 -23.32 -14.75
CA ASP A 236 -6.15 -24.16 -13.72
C ASP A 236 -7.04 -25.36 -13.37
N ALA A 237 -8.34 -25.15 -13.18
CA ALA A 237 -9.33 -26.21 -12.88
C ALA A 237 -9.34 -27.22 -14.03
N ILE A 238 -9.32 -26.74 -15.28
CA ILE A 238 -9.32 -27.61 -16.50
C ILE A 238 -8.05 -28.47 -16.51
N LEU A 239 -6.89 -27.88 -16.19
CA LEU A 239 -5.59 -28.61 -16.17
C LEU A 239 -5.67 -29.77 -15.16
N ILE A 240 -6.19 -29.54 -13.95
CA ILE A 240 -6.35 -30.59 -12.90
C ILE A 240 -7.21 -31.72 -13.46
N LEU A 241 -8.41 -31.38 -13.94
CA LEU A 241 -9.39 -32.38 -14.46
C LEU A 241 -8.77 -33.12 -15.66
N GLU A 242 -8.00 -32.42 -16.50
CA GLU A 242 -7.34 -33.00 -17.70
C GLU A 242 -6.25 -33.97 -17.25
N ASN A 243 -5.43 -33.59 -16.27
CA ASN A 243 -4.38 -34.47 -15.69
C ASN A 243 -5.04 -35.72 -15.11
N CYS A 244 -6.19 -35.58 -14.45
CA CYS A 244 -7.02 -36.71 -13.93
C CYS A 244 -7.45 -37.61 -15.10
N ARG A 245 -8.02 -37.04 -16.18
CA ARG A 245 -8.50 -37.80 -17.36
C ARG A 245 -7.37 -38.64 -17.94
N LYS A 246 -6.18 -38.04 -18.13
CA LYS A 246 -5.02 -38.70 -18.77
C LYS A 246 -4.49 -39.81 -17.87
N ALA A 247 -4.62 -39.66 -16.55
CA ALA A 247 -4.15 -40.63 -15.54
C ALA A 247 -5.10 -41.83 -15.45
N MET A 248 -6.41 -41.58 -15.61
CA MET A 248 -7.48 -42.56 -15.28
C MET A 248 -7.74 -43.49 -16.47
N GLY A 249 -8.26 -44.69 -16.17
CA GLY A 249 -8.72 -45.66 -17.19
C GLY A 249 -10.12 -45.33 -17.69
N ASN A 250 -10.57 -46.01 -18.73
CA ASN A 250 -11.88 -45.74 -19.41
C ASN A 250 -13.03 -46.11 -18.48
N ASN A 251 -12.83 -47.04 -17.54
CA ASN A 251 -13.88 -47.54 -16.61
C ASN A 251 -13.72 -46.90 -15.22
N ALA A 252 -12.86 -45.88 -15.08
CA ALA A 252 -12.58 -45.17 -13.80
C ALA A 252 -13.56 -44.00 -13.63
N THR A 253 -13.74 -43.54 -12.39
CA THR A 253 -14.67 -42.44 -12.00
C THR A 253 -13.87 -41.30 -11.38
N ILE A 254 -14.21 -40.06 -11.74
CA ILE A 254 -13.87 -38.84 -10.96
C ILE A 254 -15.14 -38.41 -10.21
N LEU A 255 -15.03 -38.21 -8.89
CA LEU A 255 -16.13 -37.69 -8.05
C LEU A 255 -15.73 -36.31 -7.51
N LEU A 256 -16.36 -35.25 -8.02
CA LEU A 256 -16.24 -33.89 -7.44
C LEU A 256 -17.20 -33.78 -6.26
N ILE A 257 -16.67 -33.48 -5.07
CA ILE A 257 -17.46 -33.08 -3.87
C ILE A 257 -17.24 -31.57 -3.71
N THR A 258 -18.27 -30.78 -4.01
CA THR A 258 -18.14 -29.33 -4.31
C THR A 258 -19.39 -28.59 -3.84
N LEU A 259 -19.21 -27.36 -3.35
CA LEU A 259 -20.29 -26.34 -3.33
C LEU A 259 -20.74 -26.16 -4.78
N MET A 260 -22.03 -25.97 -5.01
CA MET A 260 -22.57 -25.63 -6.35
C MET A 260 -23.59 -24.50 -6.20
N LYS A 261 -23.48 -23.48 -7.05
CA LYS A 261 -24.43 -22.34 -7.11
C LYS A 261 -25.82 -22.92 -7.44
N LYS A 262 -26.70 -22.95 -6.43
CA LYS A 262 -28.10 -23.45 -6.52
C LYS A 262 -29.04 -22.31 -6.13
N PRO A 263 -30.36 -22.42 -6.43
CA PRO A 263 -31.30 -21.33 -6.19
C PRO A 263 -31.19 -20.70 -4.80
N GLN A 264 -31.29 -21.51 -3.74
CA GLN A 264 -31.17 -21.05 -2.32
C GLN A 264 -29.79 -21.42 -1.79
N SER A 265 -28.92 -20.41 -1.63
CA SER A 265 -27.56 -20.52 -1.05
C SER A 265 -27.01 -19.12 -0.76
N ASN A 266 -27.30 -18.59 0.43
CA ASN A 266 -26.65 -17.38 0.98
C ASN A 266 -25.16 -17.67 1.18
N ILE A 267 -24.85 -18.89 1.62
CA ILE A 267 -23.51 -19.29 2.14
C ILE A 267 -22.51 -19.33 0.99
N ILE A 268 -22.96 -19.64 -0.24
CA ILE A 268 -22.07 -19.78 -1.43
C ILE A 268 -21.48 -18.40 -1.76
N LYS A 269 -22.25 -17.32 -1.56
CA LYS A 269 -21.80 -15.93 -1.85
C LYS A 269 -20.62 -15.56 -0.94
N TYR A 270 -20.64 -16.03 0.32
CA TYR A 270 -19.55 -15.81 1.31
C TYR A 270 -18.29 -16.59 0.90
N PHE A 271 -18.45 -17.81 0.38
CA PHE A 271 -17.34 -18.64 -0.13
C PHE A 271 -16.80 -18.03 -1.42
N ASP A 272 -17.68 -17.47 -2.26
CA ASP A 272 -17.33 -16.89 -3.59
C ASP A 272 -16.28 -15.79 -3.41
N ILE A 273 -16.55 -14.82 -2.53
CA ILE A 273 -15.65 -13.65 -2.27
C ILE A 273 -14.34 -14.16 -1.63
N LEU A 274 -14.44 -15.14 -0.72
CA LEU A 274 -13.26 -15.75 -0.05
C LEU A 274 -12.36 -16.40 -1.10
N MET A 275 -12.94 -17.16 -2.03
CA MET A 275 -12.18 -17.85 -3.12
C MET A 275 -11.51 -16.81 -4.03
N ASP A 276 -12.23 -15.73 -4.38
CA ASP A 276 -11.71 -14.62 -5.22
C ASP A 276 -10.44 -14.05 -4.57
N VAL A 277 -10.58 -13.58 -3.32
CA VAL A 277 -9.49 -12.92 -2.54
C VAL A 277 -8.33 -13.90 -2.35
N SER A 278 -8.64 -15.17 -2.06
CA SER A 278 -7.64 -16.20 -1.66
C SER A 278 -6.78 -16.64 -2.85
N SER A 279 -7.38 -16.87 -4.02
CA SER A 279 -6.69 -17.54 -5.17
C SER A 279 -7.38 -17.31 -6.51
N LEU A 280 -8.15 -16.23 -6.67
CA LEU A 280 -9.00 -15.95 -7.88
C LEU A 280 -9.82 -17.18 -8.23
N GLY A 281 -10.26 -17.95 -7.22
CA GLY A 281 -11.20 -19.06 -7.37
C GLY A 281 -12.63 -18.55 -7.45
N LYS A 282 -13.60 -19.44 -7.49
CA LYS A 282 -15.04 -19.07 -7.65
C LYS A 282 -15.92 -20.29 -7.42
N GLU A 283 -17.15 -20.06 -6.98
CA GLU A 283 -18.22 -21.08 -6.94
C GLU A 283 -18.89 -21.09 -8.31
N ARG A 284 -19.34 -22.28 -8.75
CA ARG A 284 -19.82 -22.52 -10.13
C ARG A 284 -21.19 -23.21 -10.07
N ASP A 285 -22.04 -22.95 -11.08
CA ASP A 285 -23.31 -23.69 -11.31
C ASP A 285 -22.98 -24.95 -12.13
N LEU A 286 -23.98 -25.79 -12.40
CA LEU A 286 -23.82 -27.07 -13.15
C LEU A 286 -23.29 -26.79 -14.56
N THR A 287 -23.77 -25.72 -15.22
CA THR A 287 -23.39 -25.33 -16.60
C THR A 287 -21.88 -25.06 -16.66
N GLU A 288 -21.35 -24.34 -15.67
CA GLU A 288 -19.91 -23.99 -15.60
C GLU A 288 -19.08 -25.25 -15.36
N PHE A 289 -19.57 -26.19 -14.53
CA PHE A 289 -18.90 -27.50 -14.27
C PHE A 289 -18.92 -28.34 -15.57
N GLU A 290 -20.03 -28.32 -16.30
CA GLU A 290 -20.17 -29.01 -17.61
C GLU A 290 -19.08 -28.50 -18.56
N TYR A 291 -18.84 -27.18 -18.58
CA TYR A 291 -17.81 -26.53 -19.43
C TYR A 291 -16.41 -27.05 -19.05
N LEU A 292 -16.07 -27.05 -17.76
CA LEU A 292 -14.76 -27.55 -17.26
C LEU A 292 -14.57 -29.00 -17.70
N ALA A 293 -15.56 -29.85 -17.45
CA ALA A 293 -15.55 -31.31 -17.75
C ALA A 293 -15.29 -31.53 -19.24
N ASN A 294 -16.05 -30.83 -20.10
CA ASN A 294 -15.95 -30.94 -21.58
C ASN A 294 -14.54 -30.54 -22.04
N GLN A 295 -14.01 -29.43 -21.51
CA GLN A 295 -12.67 -28.91 -21.88
C GLN A 295 -11.59 -29.91 -21.48
N ALA A 296 -11.77 -30.63 -20.36
CA ALA A 296 -10.81 -31.61 -19.82
C ALA A 296 -10.96 -32.97 -20.52
N GLY A 297 -11.98 -33.14 -21.36
CA GLY A 297 -12.27 -34.40 -22.08
C GLY A 297 -13.04 -35.39 -21.21
N LEU A 298 -13.86 -34.88 -20.28
CA LEU A 298 -14.72 -35.70 -19.38
C LEU A 298 -16.19 -35.41 -19.73
N VAL A 299 -17.10 -36.26 -19.23
CA VAL A 299 -18.58 -36.05 -19.30
C VAL A 299 -19.16 -36.29 -17.91
N ILE A 300 -20.12 -35.46 -17.51
CA ILE A 300 -20.88 -35.62 -16.23
C ILE A 300 -21.89 -36.75 -16.43
N GLN A 301 -21.87 -37.74 -15.53
CA GLN A 301 -22.72 -38.95 -15.58
C GLN A 301 -23.88 -38.84 -14.59
N ASP A 302 -23.61 -38.28 -13.40
CA ASP A 302 -24.64 -38.11 -12.33
C ASP A 302 -24.32 -36.85 -11.51
N VAL A 303 -25.37 -36.15 -11.07
CA VAL A 303 -25.31 -35.00 -10.13
C VAL A 303 -26.31 -35.24 -9.01
N LYS A 304 -25.89 -35.12 -7.75
CA LYS A 304 -26.77 -35.30 -6.56
C LYS A 304 -26.43 -34.26 -5.49
N ASP A 305 -27.44 -33.81 -4.77
CA ASP A 305 -27.32 -32.93 -3.58
C ASP A 305 -26.82 -33.77 -2.40
N ILE A 306 -25.75 -33.33 -1.74
CA ILE A 306 -25.30 -33.85 -0.41
C ILE A 306 -26.14 -33.14 0.65
N ASP A 307 -26.25 -31.81 0.53
CA ASP A 307 -27.15 -30.94 1.35
C ASP A 307 -27.48 -29.69 0.54
N GLU A 308 -27.96 -28.63 1.21
CA GLU A 308 -28.43 -27.35 0.60
C GLU A 308 -27.31 -26.66 -0.20
N SER A 309 -26.04 -26.87 0.17
CA SER A 309 -24.87 -26.16 -0.40
C SER A 309 -23.98 -27.09 -1.22
N TYR A 310 -23.77 -28.32 -0.74
CA TYR A 310 -22.78 -29.30 -1.28
C TYR A 310 -23.47 -30.30 -2.22
N SER A 311 -22.76 -30.73 -3.26
CA SER A 311 -23.23 -31.73 -4.27
C SER A 311 -22.06 -32.62 -4.72
N ILE A 312 -22.36 -33.86 -5.13
CA ILE A 312 -21.40 -34.75 -5.85
C ILE A 312 -21.67 -34.62 -7.35
N ILE A 313 -20.61 -34.54 -8.14
CA ILE A 313 -20.64 -34.62 -9.63
C ILE A 313 -19.76 -35.80 -10.03
N GLN A 314 -20.37 -36.80 -10.67
CA GLN A 314 -19.72 -38.06 -11.14
C GLN A 314 -19.33 -37.88 -12.61
N LEU A 315 -18.03 -37.99 -12.92
CA LEU A 315 -17.51 -37.82 -14.31
C LEU A 315 -16.83 -39.12 -14.75
N GLY A 316 -16.92 -39.43 -16.04
CA GLY A 316 -16.16 -40.48 -16.73
C GLY A 316 -15.44 -39.90 -17.92
N VAL A 317 -14.61 -40.70 -18.59
CA VAL A 317 -13.90 -40.28 -19.84
C VAL A 317 -14.97 -40.11 -20.92
N LYS A 318 -14.89 -39.03 -21.70
CA LYS A 318 -15.89 -38.67 -22.74
C LYS A 318 -15.89 -39.73 -23.84
N SER B 1 -24.34 -21.88 13.32
CA SER B 1 -24.64 -20.99 12.16
C SER B 1 -24.61 -19.52 12.58
N MET B 2 -25.36 -19.14 13.62
CA MET B 2 -25.41 -17.73 14.10
C MET B 2 -24.00 -17.32 14.56
N LEU B 3 -23.26 -18.24 15.19
CA LEU B 3 -21.85 -18.03 15.61
C LEU B 3 -20.96 -17.95 14.37
N ALA B 4 -21.09 -18.92 13.45
CA ALA B 4 -20.35 -18.98 12.17
C ALA B 4 -20.51 -17.64 11.43
N GLU B 5 -21.74 -17.12 11.37
CA GLU B 5 -22.08 -15.87 10.66
C GLU B 5 -21.42 -14.65 11.33
N LEU B 6 -21.40 -14.59 12.66
CA LEU B 6 -20.69 -13.51 13.41
C LEU B 6 -19.20 -13.55 13.03
N ILE B 7 -18.60 -14.75 12.95
CA ILE B 7 -17.15 -14.94 12.69
C ILE B 7 -16.80 -14.42 11.29
N THR B 8 -17.68 -14.56 10.30
CA THR B 8 -17.41 -14.17 8.87
C THR B 8 -18.00 -12.79 8.55
N SER B 9 -18.61 -12.10 9.52
CA SER B 9 -19.36 -10.83 9.27
C SER B 9 -18.40 -9.70 8.85
N TYR B 10 -17.11 -9.81 9.14
CA TYR B 10 -16.05 -8.86 8.70
C TYR B 10 -16.04 -8.76 7.17
N ARG B 11 -16.43 -9.82 6.46
CA ARG B 11 -16.46 -9.84 4.97
C ARG B 11 -17.47 -8.81 4.46
N LYS B 12 -18.54 -8.56 5.21
CA LYS B 12 -19.56 -7.52 4.91
C LYS B 12 -18.88 -6.15 4.96
N SER B 13 -18.09 -5.90 6.01
CA SER B 13 -17.30 -4.66 6.20
C SER B 13 -16.36 -4.45 5.00
N ILE B 14 -15.61 -5.49 4.63
CA ILE B 14 -14.61 -5.46 3.52
C ILE B 14 -15.32 -5.23 2.17
N ALA B 15 -16.51 -5.81 1.97
CA ALA B 15 -17.32 -5.63 0.74
C ALA B 15 -17.63 -4.14 0.54
N ILE B 16 -18.01 -3.44 1.62
CA ILE B 16 -18.37 -1.99 1.58
C ILE B 16 -17.09 -1.17 1.37
N TYR B 17 -16.03 -1.47 2.12
CA TYR B 17 -14.66 -0.92 1.93
C TYR B 17 -14.30 -0.94 0.44
N THR B 18 -14.45 -2.11 -0.18
CA THR B 18 -14.05 -2.39 -1.59
C THR B 18 -14.90 -1.54 -2.54
N PHE B 19 -16.21 -1.53 -2.32
CA PHE B 19 -17.20 -0.77 -3.13
C PHE B 19 -16.82 0.71 -3.16
N VAL B 20 -16.33 1.25 -2.04
CA VAL B 20 -15.93 2.68 -1.92
C VAL B 20 -14.51 2.86 -2.48
N ASP B 21 -13.55 2.00 -2.09
CA ASP B 21 -12.11 2.18 -2.42
C ASP B 21 -11.87 2.07 -3.93
N THR B 22 -12.59 1.19 -4.63
CA THR B 22 -12.52 1.01 -6.10
C THR B 22 -13.01 2.25 -6.83
N GLY B 23 -13.80 3.09 -6.15
CA GLY B 23 -14.41 4.31 -6.71
C GLY B 23 -15.76 4.03 -7.35
N LEU B 24 -16.28 2.81 -7.21
CA LEU B 24 -17.55 2.35 -7.84
C LEU B 24 -18.73 3.16 -7.28
N SER B 25 -18.73 3.44 -5.96
CA SER B 25 -19.90 3.97 -5.21
C SER B 25 -20.37 5.32 -5.79
N VAL B 26 -19.43 6.21 -6.15
CA VAL B 26 -19.73 7.60 -6.60
C VAL B 26 -20.47 7.56 -7.96
N HIS B 27 -20.55 6.41 -8.60
CA HIS B 27 -21.20 6.20 -9.92
C HIS B 27 -22.73 6.06 -9.75
N PHE B 28 -23.23 5.98 -8.51
CA PHE B 28 -24.63 5.58 -8.17
C PHE B 28 -25.41 6.73 -7.52
N LYS B 29 -25.21 7.98 -7.95
CA LYS B 29 -25.89 9.16 -7.34
C LYS B 29 -27.36 9.21 -7.79
N ASN B 30 -28.25 9.65 -6.89
CA ASN B 30 -29.70 9.89 -7.13
C ASN B 30 -30.45 8.56 -7.36
N GLY B 31 -29.96 7.46 -6.79
CA GLY B 31 -30.60 6.14 -6.86
C GLY B 31 -30.77 5.63 -8.29
N THR B 32 -29.90 6.05 -9.21
CA THR B 32 -29.96 5.65 -10.65
C THR B 32 -29.44 4.21 -10.77
N TYR B 33 -30.02 3.42 -11.68
CA TYR B 33 -29.61 2.02 -11.96
C TYR B 33 -28.44 2.03 -12.94
N MET B 34 -27.53 1.05 -12.81
CA MET B 34 -26.29 0.91 -13.62
C MET B 34 -26.25 -0.50 -14.20
N ASP B 35 -25.81 -0.63 -15.46
CA ASP B 35 -25.48 -1.94 -16.08
C ASP B 35 -24.10 -2.38 -15.54
N ILE B 36 -24.00 -3.60 -15.01
CA ILE B 36 -22.77 -4.12 -14.34
C ILE B 36 -21.66 -4.25 -15.39
N ASN B 37 -22.00 -4.62 -16.63
CA ASN B 37 -21.01 -4.76 -17.74
C ASN B 37 -20.38 -3.39 -18.03
N GLU B 38 -21.20 -2.32 -18.09
CA GLU B 38 -20.72 -0.94 -18.37
C GLU B 38 -19.82 -0.48 -17.20
N LEU B 39 -20.27 -0.70 -15.96
CA LEU B 39 -19.47 -0.42 -14.73
C LEU B 39 -18.09 -1.04 -14.86
N ALA B 40 -18.03 -2.35 -15.13
CA ALA B 40 -16.80 -3.15 -15.26
C ALA B 40 -15.86 -2.51 -16.30
N SER B 41 -16.42 -2.12 -17.45
N SER B 41 -16.42 -2.13 -17.45
CA SER B 41 -15.68 -1.47 -18.58
CA SER B 41 -15.69 -1.48 -18.59
C SER B 41 -15.13 -0.11 -18.15
C SER B 41 -15.14 -0.12 -18.14
N GLN B 42 -15.91 0.67 -17.40
CA GLN B 42 -15.53 2.03 -16.92
C GLN B 42 -14.30 1.95 -16.01
N TYR B 43 -14.18 0.90 -15.19
CA TYR B 43 -13.15 0.77 -14.11
C TYR B 43 -12.11 -0.29 -14.46
N GLY B 44 -12.22 -0.93 -15.62
CA GLY B 44 -11.29 -2.00 -16.09
C GLY B 44 -11.26 -3.17 -15.12
N ILE B 45 -12.43 -3.53 -14.58
CA ILE B 45 -12.61 -4.72 -13.69
C ILE B 45 -13.21 -5.85 -14.55
N ASP B 46 -12.72 -7.08 -14.35
CA ASP B 46 -13.31 -8.29 -14.99
C ASP B 46 -14.81 -8.34 -14.64
N TYR B 47 -15.67 -8.50 -15.65
CA TYR B 47 -17.15 -8.45 -15.48
C TYR B 47 -17.63 -9.48 -14.45
N SER B 48 -17.18 -10.74 -14.58
CA SER B 48 -17.62 -11.87 -13.72
C SER B 48 -17.28 -11.58 -12.25
N ARG B 49 -16.07 -11.09 -11.99
CA ARG B 49 -15.60 -10.76 -10.61
C ARG B 49 -16.45 -9.61 -10.05
N LEU B 50 -16.71 -8.57 -10.83
CA LEU B 50 -17.53 -7.42 -10.38
C LEU B 50 -18.96 -7.90 -10.10
N ASN B 51 -19.51 -8.74 -10.97
CA ASN B 51 -20.87 -9.32 -10.81
C ASN B 51 -20.95 -10.09 -9.49
N ARG B 52 -19.91 -10.88 -9.16
CA ARG B 52 -19.86 -11.69 -7.91
C ARG B 52 -19.81 -10.75 -6.69
N LEU B 53 -19.08 -9.64 -6.77
CA LEU B 53 -19.05 -8.62 -5.69
C LEU B 53 -20.46 -8.01 -5.55
N CYS B 54 -21.08 -7.64 -6.67
CA CYS B 54 -22.44 -7.03 -6.70
C CYS B 54 -23.48 -7.99 -6.09
N ASP B 55 -23.39 -9.28 -6.40
CA ASP B 55 -24.27 -10.33 -5.82
C ASP B 55 -24.12 -10.35 -4.28
N PHE B 56 -22.90 -10.19 -3.76
CA PHE B 56 -22.65 -10.13 -2.30
C PHE B 56 -23.27 -8.84 -1.74
N LEU B 57 -23.07 -7.71 -2.41
CA LEU B 57 -23.57 -6.38 -1.96
C LEU B 57 -25.12 -6.37 -1.98
N ILE B 58 -25.74 -7.09 -2.91
CA ILE B 58 -27.22 -7.28 -2.95
C ILE B 58 -27.65 -8.08 -1.71
N GLU B 59 -26.97 -9.21 -1.47
CA GLU B 59 -27.24 -10.13 -0.33
C GLU B 59 -27.22 -9.36 1.01
N ILE B 60 -26.27 -8.43 1.20
CA ILE B 60 -26.07 -7.72 2.49
C ILE B 60 -26.85 -6.39 2.51
N GLY B 61 -27.57 -6.06 1.43
CA GLY B 61 -28.58 -4.98 1.41
C GLY B 61 -28.00 -3.63 1.02
N VAL B 62 -26.79 -3.61 0.47
CA VAL B 62 -26.10 -2.38 -0.02
C VAL B 62 -26.67 -2.01 -1.40
N LEU B 63 -26.80 -2.98 -2.29
CA LEU B 63 -27.37 -2.80 -3.65
C LEU B 63 -28.74 -3.49 -3.72
N VAL B 64 -29.58 -3.02 -4.64
CA VAL B 64 -30.82 -3.70 -5.11
C VAL B 64 -30.65 -3.92 -6.61
N SER B 65 -31.25 -4.98 -7.17
CA SER B 65 -31.02 -5.39 -8.58
C SER B 65 -32.33 -5.48 -9.35
N SER B 66 -32.22 -5.27 -10.67
CA SER B 66 -33.26 -5.52 -11.70
C SER B 66 -32.56 -6.15 -12.93
N ASN B 67 -32.44 -7.49 -12.92
CA ASN B 67 -31.74 -8.32 -13.94
C ASN B 67 -30.23 -8.07 -13.86
N ASP B 68 -29.63 -7.47 -14.90
CA ASP B 68 -28.17 -7.21 -15.01
C ASP B 68 -27.84 -5.82 -14.44
N ARG B 69 -28.82 -5.15 -13.81
CA ARG B 69 -28.73 -3.72 -13.41
C ARG B 69 -28.90 -3.59 -11.89
N VAL B 70 -28.12 -2.71 -11.28
CA VAL B 70 -28.03 -2.52 -9.80
C VAL B 70 -28.13 -1.03 -9.47
N ALA B 71 -28.70 -0.71 -8.30
CA ALA B 71 -28.75 0.63 -7.69
C ALA B 71 -28.43 0.49 -6.19
N LEU B 72 -27.99 1.58 -5.57
CA LEU B 72 -27.83 1.66 -4.09
C LEU B 72 -29.21 1.52 -3.43
N SER B 73 -29.31 0.69 -2.39
CA SER B 73 -30.50 0.58 -1.52
C SER B 73 -30.78 1.94 -0.89
N GLU B 74 -32.03 2.23 -0.53
CA GLU B 74 -32.45 3.50 0.10
C GLU B 74 -31.58 3.77 1.34
N GLU B 75 -31.24 2.72 2.11
CA GLU B 75 -30.48 2.83 3.38
C GLU B 75 -28.99 3.11 3.13
N CYS B 76 -28.49 2.87 1.91
CA CYS B 76 -27.04 2.97 1.58
C CYS B 76 -26.76 4.04 0.51
N ARG B 77 -27.74 4.92 0.23
CA ARG B 77 -27.62 6.00 -0.80
C ARG B 77 -26.45 6.93 -0.46
N VAL B 78 -26.09 7.04 0.82
CA VAL B 78 -25.00 7.94 1.34
C VAL B 78 -23.64 7.52 0.78
N LEU B 79 -23.46 6.27 0.34
CA LEU B 79 -22.16 5.79 -0.21
C LEU B 79 -21.84 6.48 -1.55
N ALA B 80 -22.86 7.02 -2.24
CA ALA B 80 -22.70 7.80 -3.49
C ALA B 80 -22.08 9.17 -3.18
N ASP B 81 -22.25 9.67 -1.95
CA ASP B 81 -21.70 10.96 -1.47
C ASP B 81 -20.34 10.69 -0.83
N PRO B 82 -19.22 11.14 -1.44
CA PRO B 82 -17.89 10.93 -0.86
C PRO B 82 -17.66 11.70 0.44
N GLU B 83 -18.53 12.68 0.77
CA GLU B 83 -18.41 13.53 1.99
C GLU B 83 -19.34 13.04 3.11
N SER B 84 -20.10 11.96 2.89
CA SER B 84 -21.04 11.40 3.90
C SER B 84 -20.22 10.79 5.06
N MET B 85 -20.81 10.71 6.25
CA MET B 85 -20.18 10.10 7.45
C MET B 85 -19.74 8.67 7.08
N GLU B 86 -20.64 7.89 6.48
CA GLU B 86 -20.42 6.46 6.16
C GLU B 86 -19.27 6.33 5.14
N SER B 87 -19.23 7.18 4.11
CA SER B 87 -18.15 7.21 3.10
C SER B 87 -16.80 7.53 3.77
N LEU B 88 -16.77 8.53 4.66
CA LEU B 88 -15.53 8.98 5.34
C LEU B 88 -15.05 7.89 6.30
N ILE B 89 -15.96 7.14 6.92
CA ILE B 89 -15.61 5.97 7.78
C ILE B 89 -14.96 4.90 6.90
N ALA B 90 -15.59 4.57 5.77
CA ALA B 90 -15.13 3.52 4.81
C ALA B 90 -13.73 3.84 4.28
N LYS B 91 -13.37 5.12 4.19
CA LYS B 91 -12.06 5.57 3.63
C LYS B 91 -11.01 5.68 4.74
N TRP B 92 -11.41 5.64 6.01
CA TRP B 92 -10.48 5.69 7.17
C TRP B 92 -10.29 4.30 7.78
N GLU B 93 -11.40 3.61 8.08
CA GLU B 93 -11.52 2.48 9.05
C GLU B 93 -10.58 1.33 8.69
N PHE B 94 -10.30 1.10 7.41
CA PHE B 94 -9.65 -0.13 6.90
C PHE B 94 -8.19 0.15 6.51
N ASN B 95 -7.63 1.27 6.94
CA ASN B 95 -6.17 1.55 6.79
C ASN B 95 -5.40 0.39 7.45
N SER B 96 -4.29 -0.03 6.85
CA SER B 96 -3.54 -1.25 7.25
C SER B 96 -3.12 -1.16 8.72
N GLY B 97 -2.81 0.05 9.20
CA GLY B 97 -2.39 0.31 10.59
C GLY B 97 -3.45 -0.16 11.58
N LEU B 98 -4.68 0.34 11.44
CA LEU B 98 -5.80 0.03 12.37
C LEU B 98 -6.31 -1.39 12.12
N TRP B 99 -6.38 -1.83 10.86
CA TRP B 99 -6.84 -3.20 10.49
C TRP B 99 -5.98 -4.23 11.21
N ASN B 100 -4.66 -4.05 11.21
CA ASN B 100 -3.69 -5.02 11.80
C ASN B 100 -3.68 -4.91 13.33
N ALA B 101 -4.01 -3.73 13.88
CA ALA B 101 -4.15 -3.50 15.33
C ALA B 101 -5.10 -4.55 15.94
N TRP B 102 -6.21 -4.84 15.27
CA TRP B 102 -7.26 -5.78 15.74
C TRP B 102 -6.69 -7.18 15.98
N LEU B 103 -5.72 -7.62 15.16
CA LEU B 103 -5.10 -8.96 15.30
C LEU B 103 -4.28 -9.03 16.60
N MET B 104 -3.79 -7.89 17.10
CA MET B 104 -2.89 -7.82 18.29
C MET B 104 -3.70 -7.57 19.57
N TYR B 105 -5.03 -7.56 19.49
CA TYR B 105 -5.96 -7.35 20.64
C TYR B 105 -5.71 -8.43 21.69
N PRO B 106 -5.67 -9.73 21.33
CA PRO B 106 -5.36 -10.79 22.29
C PRO B 106 -3.99 -10.61 22.97
N LYS B 107 -2.95 -10.27 22.21
CA LYS B 107 -1.57 -10.09 22.74
C LYS B 107 -1.53 -8.89 23.69
N SER B 108 -2.23 -7.80 23.36
CA SER B 108 -2.30 -6.56 24.18
C SER B 108 -2.91 -6.89 25.55
N LEU B 109 -3.94 -7.75 25.57
CA LEU B 109 -4.63 -8.19 26.81
C LEU B 109 -3.68 -9.05 27.66
N LEU B 110 -2.97 -10.00 27.04
CA LEU B 110 -2.10 -10.99 27.73
C LEU B 110 -0.81 -10.32 28.21
N GLU B 111 -0.26 -9.39 27.43
CA GLU B 111 1.01 -8.68 27.75
C GLU B 111 0.80 -7.77 28.96
N ASN B 112 -0.24 -6.94 28.94
CA ASN B 112 -0.59 -6.01 30.05
C ASN B 112 0.67 -5.22 30.43
N ASN B 113 1.35 -4.66 29.43
CA ASN B 113 2.65 -3.95 29.57
C ASN B 113 2.51 -2.49 29.09
N GLY B 114 1.28 -1.95 29.13
CA GLY B 114 0.98 -0.54 28.82
C GLY B 114 0.99 -0.25 27.33
N LYS B 115 1.16 -1.27 26.47
CA LYS B 115 1.20 -1.10 24.99
C LYS B 115 -0.13 -1.51 24.38
N SER B 116 -0.76 -0.59 23.64
CA SER B 116 -2.01 -0.81 22.86
C SER B 116 -1.78 -1.89 21.80
N ALA B 117 -2.85 -2.55 21.36
CA ALA B 117 -2.81 -3.51 20.23
C ALA B 117 -2.24 -2.79 18.99
N PHE B 118 -2.58 -1.52 18.80
CA PHE B 118 -2.11 -0.67 17.67
C PHE B 118 -0.59 -0.55 17.72
N GLU B 119 -0.02 -0.23 18.88
CA GLU B 119 1.44 -0.01 19.03
C GLU B 119 2.19 -1.34 18.83
N ILE B 120 1.64 -2.44 19.35
CA ILE B 120 2.24 -3.81 19.16
C ILE B 120 2.27 -4.12 17.65
N ALA B 121 1.17 -3.84 16.94
CA ALA B 121 1.01 -4.15 15.50
C ALA B 121 1.93 -3.28 14.64
N ASN B 122 2.06 -1.99 14.99
CA ASN B 122 2.61 -0.95 14.08
C ASN B 122 3.96 -0.38 14.59
N GLY B 123 4.39 -0.73 15.81
CA GLY B 123 5.71 -0.36 16.33
C GLY B 123 5.76 1.05 16.88
N LYS B 124 4.62 1.75 16.95
CA LYS B 124 4.50 3.13 17.48
C LYS B 124 3.03 3.40 17.83
N PRO B 125 2.76 4.26 18.83
CA PRO B 125 1.38 4.56 19.23
C PRO B 125 0.60 5.31 18.15
N PHE B 126 -0.74 5.31 18.29
CA PHE B 126 -1.73 5.77 17.28
C PHE B 126 -1.35 7.12 16.67
N PHE B 127 -1.13 8.15 17.50
CA PHE B 127 -0.98 9.55 17.03
C PHE B 127 0.41 9.77 16.44
N GLU B 128 1.40 8.97 16.85
CA GLU B 128 2.77 8.99 16.26
C GLU B 128 2.70 8.42 14.83
N TYR B 129 1.91 7.35 14.63
CA TYR B 129 1.71 6.69 13.31
C TYR B 129 1.06 7.68 12.34
N LEU B 130 0.07 8.44 12.81
CA LEU B 130 -0.63 9.48 12.01
C LEU B 130 0.33 10.64 11.69
N ASP B 131 1.22 11.00 12.63
CA ASP B 131 2.28 12.03 12.44
C ASP B 131 3.11 11.73 11.19
N SER B 132 3.42 10.45 10.94
CA SER B 132 4.38 9.99 9.90
C SER B 132 3.66 9.64 8.59
N ASN B 133 2.32 9.66 8.56
CA ASN B 133 1.49 9.35 7.37
C ASN B 133 0.50 10.51 7.15
N LYS B 134 0.90 11.49 6.33
CA LYS B 134 0.14 12.75 6.07
C LYS B 134 -1.20 12.44 5.40
N LEU B 135 -1.21 11.59 4.37
CA LEU B 135 -2.44 11.24 3.61
C LEU B 135 -3.45 10.60 4.56
N LEU B 136 -3.01 9.64 5.37
CA LEU B 136 -3.88 8.92 6.33
C LEU B 136 -4.39 9.90 7.41
N LYS B 137 -3.53 10.81 7.87
CA LYS B 137 -3.90 11.83 8.90
C LYS B 137 -5.04 12.70 8.37
N SER B 138 -5.00 13.12 7.11
CA SER B 138 -6.04 13.98 6.47
C SER B 138 -7.38 13.24 6.44
N LYS B 139 -7.35 11.92 6.21
CA LYS B 139 -8.55 11.04 6.18
C LYS B 139 -9.14 10.93 7.60
N PHE B 140 -8.30 10.75 8.61
CA PHE B 140 -8.71 10.72 10.04
C PHE B 140 -9.32 12.09 10.41
N ASP B 141 -8.61 13.17 10.10
CA ASP B 141 -9.00 14.58 10.43
C ASP B 141 -10.33 14.94 9.75
N SER B 142 -10.54 14.50 8.50
CA SER B 142 -11.79 14.72 7.73
C SER B 142 -12.97 14.08 8.45
N LEU B 143 -12.81 12.82 8.88
CA LEU B 143 -13.84 12.05 9.62
C LEU B 143 -14.20 12.78 10.92
N MET B 144 -13.19 13.31 11.61
CA MET B 144 -13.36 14.05 12.89
C MET B 144 -14.14 15.35 12.60
N SER B 145 -13.78 16.05 11.53
CA SER B 145 -14.45 17.31 11.07
C SER B 145 -15.93 17.05 10.81
N LYS B 146 -16.28 15.88 10.24
CA LYS B 146 -17.68 15.52 9.90
C LYS B 146 -18.47 15.32 11.19
N ASP B 147 -17.88 14.68 12.21
CA ASP B 147 -18.50 14.51 13.55
C ASP B 147 -18.92 15.88 14.10
N SER B 148 -18.07 16.91 13.92
CA SER B 148 -18.33 18.30 14.35
C SER B 148 -19.49 18.90 13.55
N ASP B 149 -19.50 18.69 12.22
CA ASP B 149 -20.60 19.14 11.33
C ASP B 149 -21.93 18.58 11.86
N LYS B 150 -21.93 17.33 12.31
CA LYS B 150 -23.15 16.57 12.69
C LYS B 150 -23.76 17.11 14.00
N MET B 151 -22.95 17.57 14.95
CA MET B 151 -23.44 17.90 16.32
C MET B 151 -23.50 19.41 16.57
N ILE B 152 -22.92 20.26 15.70
CA ILE B 152 -22.74 21.71 15.97
C ILE B 152 -24.09 22.38 16.24
N GLU B 153 -25.14 22.01 15.52
CA GLU B 153 -26.50 22.62 15.65
C GLU B 153 -27.09 22.27 17.03
N LYS B 154 -27.04 20.99 17.41
CA LYS B 154 -27.51 20.48 18.74
C LYS B 154 -26.66 21.11 19.85
N LEU B 155 -25.38 21.37 19.58
CA LEU B 155 -24.40 21.91 20.55
C LEU B 155 -24.73 23.38 20.87
N PHE B 156 -25.20 24.13 19.87
CA PHE B 156 -25.52 25.58 19.98
C PHE B 156 -26.65 25.81 20.98
N ASN B 157 -27.70 24.98 20.95
CA ASN B 157 -28.93 25.18 21.77
C ASN B 157 -28.88 24.30 23.03
N VAL B 158 -27.68 23.81 23.41
CA VAL B 158 -27.43 23.12 24.71
C VAL B 158 -26.44 23.94 25.54
N TYR B 159 -25.54 24.70 24.90
CA TYR B 159 -24.53 25.56 25.58
C TYR B 159 -24.45 26.92 24.88
N ASP B 160 -24.42 27.99 25.69
CA ASP B 160 -24.30 29.41 25.23
C ASP B 160 -22.81 29.74 25.11
N PHE B 161 -22.23 29.54 23.92
CA PHE B 161 -20.81 29.85 23.60
C PHE B 161 -20.64 31.37 23.41
N ASN B 162 -21.76 32.09 23.29
CA ASN B 162 -21.80 33.55 23.04
C ASN B 162 -21.35 34.31 24.30
N GLN B 163 -21.38 33.66 25.47
CA GLN B 163 -21.02 34.27 26.78
C GLN B 163 -19.50 34.38 26.93
N HIS B 164 -18.73 33.62 26.14
CA HIS B 164 -17.24 33.58 26.18
C HIS B 164 -16.67 34.58 25.18
N ASP B 165 -15.46 35.08 25.44
CA ASP B 165 -14.74 36.06 24.57
C ASP B 165 -13.62 35.32 23.81
N LYS B 166 -12.81 34.52 24.51
CA LYS B 166 -11.65 33.77 23.95
C LYS B 166 -11.86 32.26 24.18
N ILE B 167 -11.80 31.47 23.10
CA ILE B 167 -12.15 30.02 23.08
C ILE B 167 -10.98 29.24 22.46
N LEU B 168 -10.43 28.27 23.20
CA LEU B 168 -9.38 27.34 22.71
C LEU B 168 -9.99 25.94 22.54
N ASP B 169 -9.90 25.39 21.32
CA ASP B 169 -10.28 23.99 21.01
C ASP B 169 -9.04 23.11 21.22
N VAL B 170 -8.95 22.45 22.37
CA VAL B 170 -7.77 21.63 22.78
C VAL B 170 -7.90 20.25 22.12
N GLY B 171 -6.98 19.91 21.21
CA GLY B 171 -7.05 18.72 20.34
C GLY B 171 -8.13 18.87 19.29
N GLY B 172 -8.24 20.07 18.69
CA GLY B 172 -9.32 20.43 17.75
C GLY B 172 -9.08 19.98 16.32
N GLY B 173 -7.89 19.46 16.01
CA GLY B 173 -7.53 18.97 14.66
C GLY B 173 -7.61 20.07 13.61
N GLU B 174 -8.40 19.87 12.56
CA GLU B 174 -8.63 20.85 11.46
C GLU B 174 -9.32 22.11 12.00
N GLY B 175 -9.92 22.02 13.20
CA GLY B 175 -10.59 23.14 13.89
C GLY B 175 -12.00 23.35 13.38
N ASN B 176 -12.62 22.30 12.83
CA ASN B 176 -13.97 22.39 12.21
C ASN B 176 -15.01 22.78 13.26
N LEU B 177 -14.83 22.38 14.52
CA LEU B 177 -15.77 22.76 15.61
C LEU B 177 -15.87 24.29 15.67
N LEU B 178 -14.73 24.99 15.72
CA LEU B 178 -14.65 26.48 15.80
C LEU B 178 -15.03 27.10 14.45
N ILE B 179 -14.59 26.50 13.34
CA ILE B 179 -14.98 26.94 11.96
C ILE B 179 -16.51 27.04 11.93
N ARG B 180 -17.20 25.94 12.22
CA ARG B 180 -18.70 25.86 12.22
C ARG B 180 -19.27 26.77 13.31
N MET B 181 -18.61 26.85 14.47
CA MET B 181 -19.06 27.71 15.61
C MET B 181 -19.03 29.19 15.19
N SER B 182 -17.99 29.60 14.46
CA SER B 182 -17.75 31.01 14.04
C SER B 182 -18.82 31.49 13.06
N GLU B 183 -19.51 30.57 12.37
CA GLU B 183 -20.54 30.90 11.34
C GLU B 183 -21.71 31.67 11.97
N LYS B 184 -22.04 31.38 13.25
CA LYS B 184 -23.21 31.97 13.96
C LYS B 184 -22.79 32.66 15.26
N VAL B 185 -21.60 32.38 15.79
CA VAL B 185 -21.01 33.08 16.97
C VAL B 185 -19.81 33.88 16.49
N LYS B 186 -20.01 35.17 16.20
CA LYS B 186 -19.02 36.05 15.51
C LYS B 186 -18.34 36.97 16.53
N GLU B 187 -17.26 37.64 16.09
CA GLU B 187 -16.46 38.60 16.90
C GLU B 187 -15.99 37.93 18.19
N LYS B 188 -15.36 36.75 18.07
CA LYS B 188 -14.71 36.02 19.18
C LYS B 188 -13.23 35.77 18.82
N HIS B 189 -12.39 35.48 19.81
CA HIS B 189 -10.98 35.06 19.62
C HIS B 189 -10.93 33.53 19.63
N TYR B 190 -11.00 32.92 18.44
CA TYR B 190 -10.98 31.45 18.23
C TYR B 190 -9.53 30.98 18.10
N ALA B 191 -9.20 29.89 18.78
CA ALA B 191 -7.86 29.24 18.74
C ALA B 191 -8.04 27.72 18.76
N VAL B 192 -7.16 27.00 18.05
CA VAL B 192 -7.14 25.51 17.99
C VAL B 192 -5.71 25.06 18.34
N LEU B 193 -5.58 24.13 19.30
CA LEU B 193 -4.28 23.50 19.65
C LEU B 193 -4.32 22.03 19.24
N ASP B 194 -3.32 21.61 18.44
CA ASP B 194 -3.12 20.20 18.02
C ASP B 194 -1.66 20.03 17.62
N ARG B 195 -1.30 18.84 17.11
CA ARG B 195 0.03 18.53 16.54
C ARG B 195 -0.06 18.66 15.02
N TYR B 196 0.68 19.60 14.43
CA TYR B 196 0.61 19.96 12.99
C TYR B 196 1.99 19.80 12.35
N ASN B 197 2.06 19.12 11.21
CA ASN B 197 3.23 19.09 10.30
C ASN B 197 3.24 20.38 9.49
N GLU B 198 2.05 20.91 9.19
CA GLU B 198 1.80 22.22 8.54
C GLU B 198 0.57 22.84 9.19
N LEU B 199 0.61 24.14 9.53
CA LEU B 199 -0.49 24.84 10.23
C LEU B 199 -1.69 24.93 9.30
N PRO B 200 -2.91 24.57 9.77
CA PRO B 200 -4.14 24.92 9.07
C PRO B 200 -4.25 26.45 8.97
N ASP B 201 -5.06 26.94 8.02
CA ASP B 201 -5.29 28.39 7.80
C ASP B 201 -6.77 28.60 7.52
N TYR B 202 -7.46 29.36 8.38
CA TYR B 202 -8.90 29.70 8.25
C TYR B 202 -9.19 30.99 9.03
N GLY B 203 -9.80 31.98 8.36
CA GLY B 203 -10.31 33.24 8.95
C GLY B 203 -9.34 33.83 9.96
N ASN B 204 -9.83 34.13 11.16
CA ASN B 204 -9.05 34.71 12.29
C ASN B 204 -8.72 33.61 13.32
N ILE B 205 -8.90 32.34 12.96
CA ILE B 205 -8.64 31.19 13.89
C ILE B 205 -7.13 31.05 14.09
N ASN B 206 -6.69 31.15 15.34
CA ASN B 206 -5.26 31.00 15.75
C ASN B 206 -4.97 29.49 15.91
N PHE B 207 -4.30 28.89 14.91
CA PHE B 207 -3.85 27.48 14.95
C PHE B 207 -2.48 27.43 15.63
N ILE B 208 -2.39 26.66 16.72
CA ILE B 208 -1.20 26.54 17.61
C ILE B 208 -0.68 25.11 17.56
N ASP B 209 0.55 24.91 17.08
CA ASP B 209 1.25 23.60 17.10
C ASP B 209 1.76 23.38 18.53
N GLY B 210 1.13 22.48 19.28
CA GLY B 210 1.42 22.24 20.71
C GLY B 210 1.30 20.78 21.07
N ASP B 211 1.35 20.48 22.38
CA ASP B 211 1.23 19.12 22.95
C ASP B 211 0.56 19.26 24.31
N PHE B 212 -0.71 18.84 24.43
CA PHE B 212 -1.54 19.08 25.65
C PHE B 212 -1.00 18.29 26.85
N PHE B 213 -0.01 17.41 26.65
CA PHE B 213 0.69 16.69 27.75
C PHE B 213 1.78 17.58 28.36
N LYS B 214 2.26 18.59 27.61
CA LYS B 214 3.39 19.46 28.02
C LYS B 214 2.84 20.76 28.62
N SER B 215 1.95 21.46 27.91
CA SER B 215 1.27 22.68 28.44
C SER B 215 0.03 23.02 27.60
N ILE B 216 -0.88 23.79 28.20
CA ILE B 216 -2.06 24.43 27.54
C ILE B 216 -1.85 25.94 27.61
N PRO B 217 -1.98 26.69 26.50
CA PRO B 217 -1.91 28.14 26.52
C PRO B 217 -2.87 28.80 27.53
N SER B 218 -2.39 29.83 28.24
CA SER B 218 -3.18 30.62 29.22
C SER B 218 -4.01 31.69 28.49
N GLY B 219 -4.99 32.26 29.16
CA GLY B 219 -5.69 33.51 28.75
C GLY B 219 -6.99 33.27 27.99
N TYR B 220 -7.46 32.02 27.88
CA TYR B 220 -8.78 31.66 27.29
C TYR B 220 -9.78 31.42 28.41
N ASP B 221 -11.01 31.92 28.27
CA ASP B 221 -12.08 31.77 29.29
C ASP B 221 -12.87 30.48 29.04
N LEU B 222 -12.71 29.85 27.86
CA LEU B 222 -13.28 28.51 27.55
C LEU B 222 -12.22 27.62 26.89
N TYR B 223 -11.99 26.45 27.48
CA TYR B 223 -11.16 25.34 26.92
C TYR B 223 -12.10 24.18 26.57
N ILE B 224 -12.20 23.85 25.27
CA ILE B 224 -13.05 22.72 24.77
C ILE B 224 -12.15 21.50 24.57
N LEU B 225 -12.54 20.37 25.15
CA LEU B 225 -11.95 19.03 24.91
C LEU B 225 -13.05 18.16 24.30
N LYS B 226 -13.10 18.10 22.96
CA LYS B 226 -14.11 17.30 22.21
C LYS B 226 -13.45 16.02 21.71
N ASN B 227 -13.98 14.86 22.12
CA ASN B 227 -13.55 13.51 21.65
C ASN B 227 -12.04 13.35 21.85
N VAL B 228 -11.52 13.82 22.99
CA VAL B 228 -10.09 13.71 23.36
C VAL B 228 -9.95 12.73 24.53
N ILE B 229 -10.69 12.95 25.63
CA ILE B 229 -10.50 12.23 26.91
C ILE B 229 -10.64 10.72 26.69
N HIS B 230 -11.58 10.28 25.84
CA HIS B 230 -11.89 8.84 25.62
C HIS B 230 -10.72 8.12 24.93
N ASP B 231 -9.77 8.87 24.34
CA ASP B 231 -8.56 8.29 23.69
C ASP B 231 -7.55 7.80 24.75
N TRP B 232 -7.69 8.21 26.02
CA TRP B 232 -6.56 8.15 26.98
C TRP B 232 -6.89 7.31 28.20
N PRO B 233 -5.90 6.54 28.72
CA PRO B 233 -6.02 5.89 30.02
C PRO B 233 -6.06 6.97 31.10
N ASP B 234 -6.51 6.61 32.31
CA ASP B 234 -6.80 7.55 33.42
C ASP B 234 -5.61 8.51 33.63
N ASN B 235 -4.38 7.99 33.67
CA ASN B 235 -3.17 8.79 34.02
C ASN B 235 -2.96 9.88 32.96
N ASP B 236 -3.12 9.55 31.67
CA ASP B 236 -2.96 10.52 30.56
C ASP B 236 -4.12 11.52 30.56
N ALA B 237 -5.34 11.08 30.86
CA ALA B 237 -6.55 11.95 30.92
C ALA B 237 -6.38 12.96 32.05
N ILE B 238 -5.93 12.51 33.22
CA ILE B 238 -5.69 13.38 34.41
C ILE B 238 -4.65 14.45 34.02
N LEU B 239 -3.55 14.06 33.38
CA LEU B 239 -2.45 15.00 32.99
C LEU B 239 -2.99 16.10 32.07
N ILE B 240 -3.79 15.75 31.06
CA ILE B 240 -4.40 16.74 30.14
C ILE B 240 -5.21 17.75 30.96
N LEU B 241 -6.09 17.25 31.84
CA LEU B 241 -6.99 18.09 32.69
C LEU B 241 -6.15 18.92 33.67
N GLU B 242 -5.05 18.37 34.20
CA GLU B 242 -4.10 19.10 35.09
C GLU B 242 -3.51 20.30 34.33
N ASN B 243 -3.07 20.08 33.08
CA ASN B 243 -2.47 21.13 32.21
C ASN B 243 -3.50 22.22 31.88
N CYS B 244 -4.78 21.86 31.73
CA CYS B 244 -5.90 22.82 31.54
C CYS B 244 -6.08 23.64 32.82
N ARG B 245 -6.06 23.01 33.99
CA ARG B 245 -6.18 23.67 35.32
C ARG B 245 -5.07 24.72 35.47
N LYS B 246 -3.83 24.34 35.20
CA LYS B 246 -2.62 25.20 35.40
C LYS B 246 -2.65 26.39 34.43
N ALA B 247 -3.30 26.24 33.27
CA ALA B 247 -3.41 27.29 32.24
C ALA B 247 -4.53 28.28 32.60
N MET B 248 -5.66 27.78 33.12
CA MET B 248 -6.96 28.51 33.14
C MET B 248 -7.03 29.45 34.35
N GLY B 249 -7.75 30.56 34.18
CA GLY B 249 -8.07 31.52 35.26
C GLY B 249 -9.17 30.95 36.16
N ASN B 250 -9.39 31.60 37.31
CA ASN B 250 -10.39 31.18 38.33
C ASN B 250 -11.81 31.30 37.78
N ASN B 251 -12.04 32.20 36.81
CA ASN B 251 -13.37 32.45 36.17
C ASN B 251 -13.52 31.63 34.89
N ALA B 252 -12.49 30.88 34.49
CA ALA B 252 -12.44 30.14 33.20
C ALA B 252 -13.19 28.81 33.32
N THR B 253 -13.57 28.23 32.17
CA THR B 253 -14.40 27.00 32.03
C THR B 253 -13.66 25.97 31.18
N ILE B 254 -13.72 24.69 31.56
CA ILE B 254 -13.41 23.54 30.68
C ILE B 254 -14.74 22.89 30.28
N LEU B 255 -14.98 22.75 28.98
CA LEU B 255 -16.15 22.02 28.43
C LEU B 255 -15.66 20.74 27.77
N LEU B 256 -15.92 19.59 28.39
CA LEU B 256 -15.72 18.25 27.76
C LEU B 256 -16.95 17.97 26.88
N ILE B 257 -16.74 17.81 25.58
CA ILE B 257 -17.74 17.25 24.63
C ILE B 257 -17.31 15.80 24.40
N THR B 258 -18.10 14.84 24.89
CA THR B 258 -17.65 13.44 25.07
C THR B 258 -18.85 12.49 24.92
N LEU B 259 -18.63 11.35 24.26
CA LEU B 259 -19.45 10.13 24.43
C LEU B 259 -19.45 9.82 25.93
N MET B 260 -20.59 9.44 26.50
CA MET B 260 -20.68 9.08 27.93
C MET B 260 -21.51 7.80 28.08
N LYS B 261 -21.05 6.88 28.91
CA LYS B 261 -21.82 5.69 29.34
C LYS B 261 -23.01 6.16 30.18
N LYS B 262 -24.14 6.40 29.52
CA LYS B 262 -25.39 6.89 30.15
C LYS B 262 -26.55 6.03 29.66
N PRO B 263 -27.72 6.07 30.33
CA PRO B 263 -28.89 5.30 29.88
C PRO B 263 -29.24 5.66 28.42
N GLN B 264 -29.43 4.64 27.58
CA GLN B 264 -29.85 4.73 26.15
C GLN B 264 -28.67 5.15 25.26
N SER B 265 -27.43 4.87 25.68
CA SER B 265 -26.20 5.05 24.85
C SER B 265 -25.90 3.75 24.09
N ASN B 266 -26.52 3.58 22.92
CA ASN B 266 -26.68 2.30 22.18
C ASN B 266 -25.32 1.75 21.70
N ILE B 267 -24.46 2.60 21.13
CA ILE B 267 -23.25 2.17 20.35
C ILE B 267 -21.97 2.43 21.18
N ILE B 268 -22.08 2.57 22.50
CA ILE B 268 -20.92 2.96 23.36
C ILE B 268 -19.90 1.80 23.41
N LYS B 269 -20.37 0.54 23.41
CA LYS B 269 -19.49 -0.66 23.54
C LYS B 269 -18.61 -0.83 22.28
N TYR B 270 -19.12 -0.45 21.10
CA TYR B 270 -18.35 -0.50 19.82
C TYR B 270 -17.16 0.46 19.95
N PHE B 271 -17.41 1.70 20.38
CA PHE B 271 -16.37 2.75 20.58
C PHE B 271 -15.39 2.30 21.67
N ASP B 272 -15.89 1.61 22.70
CA ASP B 272 -15.09 1.22 23.89
C ASP B 272 -13.97 0.26 23.47
N ILE B 273 -14.28 -0.76 22.67
CA ILE B 273 -13.28 -1.76 22.18
C ILE B 273 -12.35 -1.07 21.18
N LEU B 274 -12.88 -0.16 20.34
CA LEU B 274 -12.09 0.66 19.38
C LEU B 274 -11.03 1.47 20.14
N MET B 275 -11.44 2.19 21.19
CA MET B 275 -10.55 3.06 22.02
C MET B 275 -9.47 2.19 22.69
N ASP B 276 -9.85 1.01 23.20
CA ASP B 276 -8.91 0.04 23.83
C ASP B 276 -7.81 -0.34 22.84
N VAL B 277 -8.20 -0.86 21.68
CA VAL B 277 -7.29 -1.39 20.63
C VAL B 277 -6.41 -0.25 20.09
N SER B 278 -7.00 0.94 19.94
CA SER B 278 -6.37 2.12 19.27
C SER B 278 -5.30 2.76 20.16
N SER B 279 -5.59 2.96 21.46
CA SER B 279 -4.72 3.76 22.37
C SER B 279 -4.95 3.45 23.85
N LEU B 280 -5.44 2.25 24.18
CA LEU B 280 -5.82 1.84 25.57
C LEU B 280 -6.73 2.92 26.19
N GLY B 281 -7.56 3.55 25.35
CA GLY B 281 -8.61 4.49 25.80
C GLY B 281 -9.82 3.73 26.32
N LYS B 282 -10.86 4.44 26.74
CA LYS B 282 -12.11 3.83 27.28
C LYS B 282 -13.22 4.89 27.28
N GLU B 283 -14.47 4.43 27.21
CA GLU B 283 -15.66 5.28 27.45
C GLU B 283 -15.95 5.24 28.96
N ARG B 284 -16.42 6.35 29.52
CA ARG B 284 -16.57 6.54 30.99
C ARG B 284 -18.00 7.00 31.30
N ASP B 285 -18.48 6.68 32.51
CA ASP B 285 -19.74 7.23 33.08
C ASP B 285 -19.39 8.49 33.87
N LEU B 286 -20.41 9.19 34.40
CA LEU B 286 -20.24 10.51 35.08
C LEU B 286 -19.32 10.34 36.31
N THR B 287 -19.43 9.22 37.03
CA THR B 287 -18.62 8.90 38.24
C THR B 287 -17.13 8.91 37.87
N GLU B 288 -16.76 8.23 36.79
CA GLU B 288 -15.36 8.07 36.32
C GLU B 288 -14.81 9.44 35.89
N PHE B 289 -15.64 10.25 35.22
CA PHE B 289 -15.32 11.65 34.82
C PHE B 289 -15.16 12.50 36.09
N GLU B 290 -16.00 12.27 37.10
CA GLU B 290 -15.94 12.92 38.43
C GLU B 290 -14.56 12.67 39.04
N TYR B 291 -14.07 11.42 38.97
CA TYR B 291 -12.76 10.99 39.50
C TYR B 291 -11.62 11.72 38.78
N LEU B 292 -11.66 11.80 37.44
CA LEU B 292 -10.62 12.46 36.62
C LEU B 292 -10.52 13.93 37.01
N ALA B 293 -11.65 14.62 37.08
CA ALA B 293 -11.76 16.06 37.42
C ALA B 293 -11.15 16.31 38.80
N ASN B 294 -11.56 15.54 39.82
CA ASN B 294 -11.12 15.70 41.22
C ASN B 294 -9.59 15.53 41.30
N GLN B 295 -9.05 14.50 40.62
CA GLN B 295 -7.60 14.18 40.61
C GLN B 295 -6.80 15.31 39.97
N ALA B 296 -7.41 16.03 39.00
CA ALA B 296 -6.79 17.15 38.26
C ALA B 296 -7.11 18.49 38.95
N GLY B 297 -7.75 18.47 40.12
CA GLY B 297 -8.12 19.66 40.90
C GLY B 297 -9.20 20.49 40.22
N LEU B 298 -10.18 19.83 39.59
CA LEU B 298 -11.35 20.46 38.91
C LEU B 298 -12.65 19.98 39.57
N VAL B 299 -13.75 20.70 39.32
CA VAL B 299 -15.12 20.37 39.82
C VAL B 299 -16.09 20.38 38.64
N ILE B 300 -16.93 19.35 38.53
CA ILE B 300 -18.05 19.27 37.54
C ILE B 300 -19.14 20.23 38.02
N GLN B 301 -19.40 21.30 37.24
CA GLN B 301 -20.39 22.36 37.55
C GLN B 301 -21.74 22.00 36.92
N ASP B 302 -21.73 21.35 35.75
CA ASP B 302 -22.96 21.02 34.98
C ASP B 302 -22.71 19.85 34.02
N VAL B 303 -23.75 19.03 33.79
CA VAL B 303 -23.77 17.93 32.79
C VAL B 303 -25.08 18.04 32.01
N LYS B 304 -25.02 17.97 30.67
CA LYS B 304 -26.22 18.05 29.79
C LYS B 304 -26.06 17.10 28.59
N ASP B 305 -27.18 16.58 28.09
CA ASP B 305 -27.23 15.71 26.89
C ASP B 305 -27.15 16.59 25.63
N ILE B 306 -26.30 16.21 24.68
CA ILE B 306 -26.33 16.70 23.27
C ILE B 306 -27.28 15.79 22.50
N ASP B 307 -27.10 14.47 22.65
CA ASP B 307 -27.97 13.42 22.07
C ASP B 307 -27.87 12.17 22.96
N GLU B 308 -28.24 11.00 22.43
CA GLU B 308 -28.34 9.72 23.17
C GLU B 308 -26.96 9.21 23.62
N SER B 309 -25.90 9.55 22.89
CA SER B 309 -24.51 9.06 23.16
C SER B 309 -23.61 10.19 23.68
N TYR B 310 -23.72 11.40 23.12
CA TYR B 310 -22.85 12.57 23.42
C TYR B 310 -23.44 13.41 24.56
N SER B 311 -22.57 13.88 25.47
CA SER B 311 -22.89 14.83 26.57
C SER B 311 -21.88 15.97 26.58
N ILE B 312 -22.24 17.10 27.21
CA ILE B 312 -21.29 18.18 27.62
C ILE B 312 -21.11 18.08 29.14
N ILE B 313 -19.85 18.15 29.61
CA ILE B 313 -19.50 18.23 31.06
C ILE B 313 -18.79 19.56 31.28
N GLN B 314 -19.38 20.44 32.10
CA GLN B 314 -18.85 21.80 32.40
C GLN B 314 -18.01 21.72 33.68
N LEU B 315 -16.71 22.05 33.57
CA LEU B 315 -15.74 22.00 34.70
C LEU B 315 -15.27 23.41 35.05
N GLY B 316 -15.05 23.66 36.35
CA GLY B 316 -14.35 24.83 36.88
C GLY B 316 -13.27 24.42 37.85
N VAL B 317 -12.39 25.35 38.24
CA VAL B 317 -11.29 25.12 39.22
C VAL B 317 -11.93 24.74 40.56
N LYS B 318 -11.36 23.75 41.26
CA LYS B 318 -11.85 23.28 42.58
C LYS B 318 -11.55 24.36 43.63
N SER C 1 10.08 -1.15 -52.60
CA SER C 1 10.60 -1.73 -51.32
C SER C 1 10.54 -0.68 -50.20
N MET C 2 11.05 0.53 -50.45
CA MET C 2 10.95 1.70 -49.54
C MET C 2 9.47 1.95 -49.21
N LEU C 3 8.62 1.98 -50.25
CA LEU C 3 7.16 2.24 -50.13
C LEU C 3 6.49 1.13 -49.32
N ALA C 4 6.77 -0.13 -49.64
CA ALA C 4 6.22 -1.33 -48.96
C ALA C 4 6.59 -1.30 -47.47
N GLU C 5 7.81 -0.87 -47.16
CA GLU C 5 8.34 -0.74 -45.77
C GLU C 5 7.53 0.32 -45.01
N LEU C 6 7.20 1.45 -45.65
CA LEU C 6 6.38 2.54 -45.05
C LEU C 6 4.95 2.04 -44.80
N ILE C 7 4.40 1.25 -45.73
CA ILE C 7 3.02 0.71 -45.66
C ILE C 7 2.90 -0.23 -44.44
N THR C 8 3.91 -1.06 -44.18
CA THR C 8 3.89 -2.11 -43.13
C THR C 8 4.52 -1.62 -41.82
N SER C 9 4.96 -0.35 -41.75
CA SER C 9 5.72 0.20 -40.60
C SER C 9 4.85 0.26 -39.33
N TYR C 10 3.52 0.23 -39.48
CA TYR C 10 2.53 0.17 -38.37
C TYR C 10 2.76 -1.07 -37.50
N ARG C 11 3.33 -2.15 -38.07
CA ARG C 11 3.63 -3.41 -37.35
C ARG C 11 4.72 -3.17 -36.30
N LYS C 12 5.63 -2.22 -36.56
CA LYS C 12 6.67 -1.78 -35.58
C LYS C 12 5.98 -1.24 -34.34
N SER C 13 5.00 -0.35 -34.53
CA SER C 13 4.20 0.30 -33.47
C SER C 13 3.48 -0.76 -32.63
N ILE C 14 2.90 -1.77 -33.29
CA ILE C 14 2.11 -2.86 -32.65
C ILE C 14 3.04 -3.77 -31.82
N ALA C 15 4.27 -4.02 -32.30
CA ALA C 15 5.27 -4.86 -31.62
C ALA C 15 5.62 -4.24 -30.26
N ILE C 16 5.85 -2.93 -30.21
CA ILE C 16 6.19 -2.18 -28.97
C ILE C 16 4.98 -2.18 -28.04
N TYR C 17 3.80 -1.84 -28.57
CA TYR C 17 2.48 -1.93 -27.88
C TYR C 17 2.33 -3.29 -27.20
N THR C 18 2.62 -4.37 -27.95
CA THR C 18 2.48 -5.78 -27.51
C THR C 18 3.52 -6.08 -26.41
N PHE C 19 4.77 -5.66 -26.61
CA PHE C 19 5.89 -5.88 -25.67
C PHE C 19 5.53 -5.28 -24.30
N VAL C 20 4.84 -4.13 -24.29
CA VAL C 20 4.44 -3.40 -23.04
C VAL C 20 3.15 -4.02 -22.48
N ASP C 21 2.13 -4.22 -23.33
CA ASP C 21 0.75 -4.63 -22.92
C ASP C 21 0.77 -6.00 -22.25
N THR C 22 1.68 -6.90 -22.67
CA THR C 22 1.82 -8.28 -22.12
C THR C 22 2.41 -8.22 -20.69
N GLY C 23 3.11 -7.15 -20.36
CA GLY C 23 3.80 -6.95 -19.06
C GLY C 23 5.21 -7.51 -19.08
N LEU C 24 5.75 -7.80 -20.28
CA LEU C 24 7.13 -8.32 -20.48
C LEU C 24 8.14 -7.22 -20.15
N SER C 25 7.85 -5.98 -20.58
CA SER C 25 8.78 -4.81 -20.57
C SER C 25 9.42 -4.61 -19.20
N VAL C 26 8.65 -4.76 -18.11
CA VAL C 26 9.05 -4.40 -16.72
C VAL C 26 10.11 -5.39 -16.18
N HIS C 27 10.41 -6.48 -16.89
CA HIS C 27 11.48 -7.45 -16.54
C HIS C 27 12.86 -6.97 -17.02
N PHE C 28 12.89 -6.06 -18.00
CA PHE C 28 14.11 -5.65 -18.76
C PHE C 28 14.71 -4.37 -18.17
N LYS C 29 14.53 -4.14 -16.86
CA LYS C 29 15.00 -2.93 -16.15
C LYS C 29 16.52 -2.95 -16.06
N ASN C 30 17.15 -1.78 -16.25
CA ASN C 30 18.61 -1.54 -16.09
C ASN C 30 19.40 -2.31 -17.16
N GLY C 31 18.83 -2.48 -18.35
CA GLY C 31 19.48 -3.10 -19.53
C GLY C 31 20.07 -4.46 -19.21
N THR C 32 19.37 -5.27 -18.40
CA THR C 32 19.74 -6.67 -18.07
C THR C 32 19.30 -7.59 -19.22
N TYR C 33 20.17 -8.51 -19.65
CA TYR C 33 19.89 -9.53 -20.69
C TYR C 33 19.08 -10.67 -20.07
N MET C 34 18.01 -11.08 -20.74
CA MET C 34 17.04 -12.10 -20.28
C MET C 34 16.97 -13.22 -21.32
N ASP C 35 16.68 -14.46 -20.90
CA ASP C 35 16.52 -15.62 -21.81
C ASP C 35 15.03 -15.78 -22.13
N ILE C 36 14.71 -15.97 -23.42
CA ILE C 36 13.31 -15.96 -23.94
C ILE C 36 12.53 -17.14 -23.35
N ASN C 37 13.17 -18.31 -23.29
CA ASN C 37 12.51 -19.56 -22.84
C ASN C 37 12.13 -19.43 -21.36
N GLU C 38 12.96 -18.79 -20.54
CA GLU C 38 12.66 -18.49 -19.10
C GLU C 38 11.48 -17.50 -19.03
N LEU C 39 11.53 -16.42 -19.83
CA LEU C 39 10.45 -15.40 -19.91
C LEU C 39 9.14 -16.04 -20.39
N ALA C 40 9.22 -16.84 -21.46
CA ALA C 40 8.06 -17.51 -22.11
C ALA C 40 7.35 -18.43 -21.11
N SER C 41 8.12 -19.26 -20.39
CA SER C 41 7.61 -20.20 -19.36
C SER C 41 6.99 -19.41 -18.19
N GLN C 42 7.63 -18.32 -17.77
CA GLN C 42 7.17 -17.46 -16.65
C GLN C 42 5.76 -16.90 -16.94
N TYR C 43 5.52 -16.41 -18.16
CA TYR C 43 4.27 -15.71 -18.56
C TYR C 43 3.30 -16.65 -19.28
N GLY C 44 3.66 -17.92 -19.46
CA GLY C 44 2.81 -18.94 -20.11
C GLY C 44 2.54 -18.63 -21.57
N ILE C 45 3.56 -18.12 -22.27
CA ILE C 45 3.54 -17.84 -23.74
C ILE C 45 4.36 -18.93 -24.45
N ASP C 46 3.94 -19.35 -25.64
CA ASP C 46 4.70 -20.31 -26.50
C ASP C 46 6.07 -19.71 -26.82
N TYR C 47 7.15 -20.44 -26.56
CA TYR C 47 8.55 -19.96 -26.69
C TYR C 47 8.78 -19.39 -28.10
N SER C 48 8.53 -20.19 -29.13
CA SER C 48 8.79 -19.85 -30.56
C SER C 48 8.04 -18.55 -30.92
N ARG C 49 6.75 -18.46 -30.55
CA ARG C 49 5.89 -17.27 -30.82
C ARG C 49 6.50 -16.01 -30.21
N LEU C 50 6.98 -16.10 -28.95
CA LEU C 50 7.64 -14.98 -28.24
C LEU C 50 9.00 -14.70 -28.89
N ASN C 51 9.76 -15.75 -29.20
CA ASN C 51 11.08 -15.66 -29.89
C ASN C 51 10.92 -14.88 -31.21
N ARG C 52 9.86 -15.18 -31.97
N ARG C 52 9.86 -15.19 -31.97
CA ARG C 52 9.55 -14.55 -33.28
CA ARG C 52 9.53 -14.56 -33.27
C ARG C 52 9.24 -13.06 -33.07
C ARG C 52 9.25 -13.07 -33.06
N LEU C 53 8.55 -12.72 -31.97
CA LEU C 53 8.28 -11.31 -31.57
C LEU C 53 9.61 -10.62 -31.23
N CYS C 54 10.43 -11.25 -30.36
CA CYS C 54 11.74 -10.72 -29.92
C CYS C 54 12.65 -10.52 -31.14
N ASP C 55 12.62 -11.45 -32.10
CA ASP C 55 13.37 -11.40 -33.38
C ASP C 55 12.98 -10.14 -34.15
N PHE C 56 11.68 -9.83 -34.23
CA PHE C 56 11.16 -8.61 -34.89
C PHE C 56 11.67 -7.38 -34.12
N LEU C 57 11.61 -7.41 -32.79
CA LEU C 57 12.04 -6.29 -31.90
C LEU C 57 13.56 -6.06 -32.06
N ILE C 58 14.34 -7.12 -32.22
CA ILE C 58 15.80 -7.05 -32.55
C ILE C 58 15.96 -6.30 -33.87
N GLU C 59 15.20 -6.71 -34.90
CA GLU C 59 15.28 -6.18 -36.29
C GLU C 59 15.08 -4.66 -36.27
N ILE C 60 14.08 -4.16 -35.52
CA ILE C 60 13.68 -2.72 -35.51
C ILE C 60 14.43 -1.97 -34.41
N GLY C 61 15.28 -2.65 -33.64
CA GLY C 61 16.28 -2.03 -32.75
C GLY C 61 15.76 -1.75 -31.34
N VAL C 62 14.60 -2.30 -30.98
CA VAL C 62 14.01 -2.15 -29.61
C VAL C 62 14.83 -2.99 -28.63
N LEU C 63 15.08 -4.26 -28.99
CA LEU C 63 15.90 -5.20 -28.18
C LEU C 63 17.28 -5.38 -28.84
N VAL C 64 18.27 -5.75 -28.02
CA VAL C 64 19.63 -6.21 -28.45
C VAL C 64 19.83 -7.64 -27.91
N SER C 65 20.50 -8.50 -28.67
CA SER C 65 20.77 -9.91 -28.28
C SER C 65 22.27 -10.12 -28.05
N SER C 66 22.63 -10.84 -26.98
CA SER C 66 24.00 -11.33 -26.69
C SER C 66 23.91 -12.76 -26.15
N ASN C 67 24.50 -13.72 -26.88
CA ASN C 67 24.49 -15.17 -26.54
C ASN C 67 23.04 -15.66 -26.41
N ASP C 68 22.18 -15.30 -27.37
CA ASP C 68 20.74 -15.71 -27.42
C ASP C 68 20.00 -15.23 -26.16
N ARG C 69 20.49 -14.16 -25.53
CA ARG C 69 19.81 -13.45 -24.42
C ARG C 69 19.46 -12.05 -24.94
N VAL C 70 18.34 -11.47 -24.49
CA VAL C 70 17.79 -10.19 -25.02
C VAL C 70 17.73 -9.15 -23.91
N ALA C 71 18.14 -7.92 -24.20
CA ALA C 71 18.00 -6.72 -23.35
C ALA C 71 17.40 -5.59 -24.19
N LEU C 72 16.79 -4.59 -23.55
CA LEU C 72 16.36 -3.33 -24.22
C LEU C 72 17.62 -2.58 -24.68
N SER C 73 17.63 -2.12 -25.94
CA SER C 73 18.68 -1.21 -26.48
C SER C 73 18.71 0.06 -25.62
N GLU C 74 19.85 0.75 -25.55
CA GLU C 74 20.02 1.95 -24.68
C GLU C 74 18.92 2.97 -24.98
N GLU C 75 18.47 3.05 -26.24
CA GLU C 75 17.48 4.05 -26.73
C GLU C 75 16.07 3.70 -26.24
N CYS C 76 15.82 2.44 -25.86
CA CYS C 76 14.47 1.93 -25.49
C CYS C 76 14.42 1.40 -24.05
N ARG C 77 15.39 1.78 -23.20
CA ARG C 77 15.45 1.33 -21.78
C ARG C 77 14.28 1.90 -20.97
N VAL C 78 13.85 3.13 -21.29
CA VAL C 78 12.66 3.81 -20.69
C VAL C 78 11.44 2.89 -20.74
N LEU C 79 11.39 1.96 -21.70
CA LEU C 79 10.26 1.02 -21.92
C LEU C 79 10.10 0.09 -20.70
N ALA C 80 11.17 -0.13 -19.92
CA ALA C 80 11.18 -0.95 -18.70
C ALA C 80 10.46 -0.23 -17.56
N ASP C 81 10.53 1.11 -17.53
CA ASP C 81 9.90 1.98 -16.51
C ASP C 81 8.44 2.22 -16.92
N PRO C 82 7.45 1.76 -16.12
CA PRO C 82 6.03 1.86 -16.49
C PRO C 82 5.50 3.30 -16.47
N GLU C 83 6.21 4.21 -15.79
CA GLU C 83 5.84 5.64 -15.64
C GLU C 83 6.72 6.51 -16.55
N SER C 84 7.51 5.90 -17.44
CA SER C 84 8.22 6.62 -18.54
C SER C 84 7.18 7.14 -19.53
N MET C 85 7.50 8.25 -20.22
CA MET C 85 6.62 8.88 -21.25
C MET C 85 6.24 7.82 -22.29
N GLU C 86 7.24 7.11 -22.81
CA GLU C 86 7.11 6.13 -23.93
C GLU C 86 6.23 4.95 -23.49
N SER C 87 6.35 4.53 -22.23
CA SER C 87 5.50 3.49 -21.59
C SER C 87 4.04 3.97 -21.55
N LEU C 88 3.82 5.21 -21.09
CA LEU C 88 2.46 5.81 -20.95
C LEU C 88 1.83 5.98 -22.34
N ILE C 89 2.63 6.34 -23.34
CA ILE C 89 2.16 6.46 -24.76
C ILE C 89 1.74 5.06 -25.25
N ALA C 90 2.55 4.03 -24.97
CA ALA C 90 2.29 2.62 -25.37
C ALA C 90 0.98 2.12 -24.74
N LYS C 91 0.64 2.59 -23.54
CA LYS C 91 -0.55 2.14 -22.77
C LYS C 91 -1.79 2.95 -23.17
N TRP C 92 -1.61 4.12 -23.81
CA TRP C 92 -2.72 5.03 -24.21
C TRP C 92 -3.02 4.90 -25.71
N GLU C 93 -1.97 4.98 -26.56
CA GLU C 93 -2.06 5.33 -28.00
C GLU C 93 -2.92 4.34 -28.78
N PHE C 94 -2.94 3.06 -28.35
CA PHE C 94 -3.52 1.94 -29.13
C PHE C 94 -4.89 1.53 -28.56
N ASN C 95 -5.51 2.39 -27.74
CA ASN C 95 -6.92 2.21 -27.30
C ASN C 95 -7.79 2.08 -28.56
N SER C 96 -8.80 1.21 -28.52
CA SER C 96 -9.62 0.80 -29.68
C SER C 96 -10.19 2.03 -30.41
N GLY C 97 -10.73 2.99 -29.65
CA GLY C 97 -11.36 4.21 -30.17
C GLY C 97 -10.43 5.01 -31.08
N LEU C 98 -9.24 5.35 -30.60
CA LEU C 98 -8.25 6.16 -31.35
C LEU C 98 -7.71 5.34 -32.52
N TRP C 99 -7.38 4.07 -32.27
CA TRP C 99 -6.83 3.14 -33.29
C TRP C 99 -7.78 3.06 -34.49
N ASN C 100 -9.09 3.00 -34.25
CA ASN C 100 -10.12 2.86 -35.31
C ASN C 100 -10.41 4.21 -35.98
N ALA C 101 -10.11 5.33 -35.32
CA ALA C 101 -10.26 6.70 -35.87
C ALA C 101 -9.48 6.81 -37.19
N TRP C 102 -8.26 6.24 -37.22
CA TRP C 102 -7.29 6.34 -38.34
C TRP C 102 -7.90 5.80 -39.65
N LEU C 103 -8.73 4.77 -39.58
CA LEU C 103 -9.37 4.14 -40.76
C LEU C 103 -10.39 5.10 -41.39
N MET C 104 -10.94 6.03 -40.60
CA MET C 104 -11.98 6.99 -41.03
C MET C 104 -11.35 8.32 -41.47
N TYR C 105 -10.02 8.42 -41.47
CA TYR C 105 -9.28 9.63 -41.92
C TYR C 105 -9.70 9.98 -43.34
N PRO C 106 -9.70 9.02 -44.31
CA PRO C 106 -10.14 9.32 -45.68
C PRO C 106 -11.57 9.85 -45.77
N LYS C 107 -12.51 9.23 -45.03
CA LYS C 107 -13.94 9.63 -44.98
C LYS C 107 -14.04 11.06 -44.45
N SER C 108 -13.32 11.40 -43.38
CA SER C 108 -13.34 12.74 -42.73
C SER C 108 -12.88 13.82 -43.72
N LEU C 109 -11.93 13.49 -44.62
CA LEU C 109 -11.42 14.41 -45.66
C LEU C 109 -12.51 14.62 -46.73
N LEU C 110 -13.07 13.53 -47.26
CA LEU C 110 -14.04 13.55 -48.40
C LEU C 110 -15.39 14.12 -47.94
N GLU C 111 -15.81 13.82 -46.70
CA GLU C 111 -17.12 14.26 -46.15
C GLU C 111 -17.11 15.79 -45.95
N ASN C 112 -15.99 16.33 -45.43
CA ASN C 112 -15.77 17.78 -45.25
C ASN C 112 -17.02 18.41 -44.61
N ASN C 113 -17.47 17.83 -43.48
CA ASN C 113 -18.76 18.16 -42.81
C ASN C 113 -18.50 18.52 -41.34
N GLY C 114 -17.28 18.91 -41.00
CA GLY C 114 -16.89 19.36 -39.64
C GLY C 114 -16.79 18.22 -38.64
N LYS C 115 -16.85 16.96 -39.08
CA LYS C 115 -16.69 15.76 -38.21
C LYS C 115 -15.26 15.21 -38.33
N SER C 116 -14.57 15.06 -37.19
CA SER C 116 -13.25 14.41 -37.09
C SER C 116 -13.40 12.93 -37.47
N ALA C 117 -12.31 12.31 -37.92
CA ALA C 117 -12.22 10.84 -38.17
C ALA C 117 -12.58 10.10 -36.88
N PHE C 118 -12.19 10.65 -35.72
CA PHE C 118 -12.47 10.06 -34.40
C PHE C 118 -13.98 9.97 -34.17
N GLU C 119 -14.71 11.05 -34.45
CA GLU C 119 -16.18 11.13 -34.23
C GLU C 119 -16.91 10.19 -35.19
N ILE C 120 -16.45 10.06 -36.43
CA ILE C 120 -17.06 9.15 -37.45
C ILE C 120 -16.93 7.70 -36.92
N ALA C 121 -15.76 7.34 -36.37
CA ALA C 121 -15.42 5.98 -35.92
C ALA C 121 -16.20 5.63 -34.64
N ASN C 122 -16.36 6.58 -33.72
CA ASN C 122 -16.77 6.33 -32.30
C ASN C 122 -18.12 6.99 -31.97
N GLY C 123 -18.66 7.84 -32.86
CA GLY C 123 -19.97 8.46 -32.72
C GLY C 123 -20.01 9.51 -31.61
N LYS C 124 -18.84 9.93 -31.12
CA LYS C 124 -18.67 11.03 -30.14
C LYS C 124 -17.39 11.79 -30.47
N PRO C 125 -17.34 13.13 -30.21
CA PRO C 125 -16.09 13.87 -30.30
C PRO C 125 -15.13 13.37 -29.21
N PHE C 126 -13.82 13.59 -29.41
CA PHE C 126 -12.71 13.04 -28.59
C PHE C 126 -12.98 13.22 -27.08
N PHE C 127 -13.26 14.44 -26.63
CA PHE C 127 -13.32 14.79 -25.18
C PHE C 127 -14.66 14.33 -24.59
N GLU C 128 -15.73 14.22 -25.39
CA GLU C 128 -17.02 13.61 -24.97
C GLU C 128 -16.78 12.11 -24.73
N TYR C 129 -15.99 11.48 -25.59
CA TYR C 129 -15.60 10.04 -25.52
C TYR C 129 -14.85 9.79 -24.21
N LEU C 130 -13.86 10.63 -23.90
CA LEU C 130 -13.07 10.57 -22.63
C LEU C 130 -14.02 10.79 -21.45
N ASP C 131 -14.93 11.76 -21.55
CA ASP C 131 -15.93 12.12 -20.51
C ASP C 131 -16.81 10.91 -20.17
N SER C 132 -16.94 9.95 -21.09
CA SER C 132 -17.85 8.77 -21.00
C SER C 132 -17.09 7.48 -20.69
N ASN C 133 -15.75 7.54 -20.52
CA ASN C 133 -14.88 6.36 -20.32
C ASN C 133 -13.81 6.70 -19.26
N LYS C 134 -14.10 6.41 -17.99
CA LYS C 134 -13.30 6.87 -16.82
C LYS C 134 -11.86 6.36 -16.92
N LEU C 135 -11.67 5.05 -17.12
CA LEU C 135 -10.31 4.42 -17.15
C LEU C 135 -9.49 5.04 -18.28
N LEU C 136 -10.08 5.19 -19.47
CA LEU C 136 -9.39 5.77 -20.65
C LEU C 136 -8.96 7.20 -20.31
N LYS C 137 -9.85 7.99 -19.69
CA LYS C 137 -9.59 9.41 -19.35
C LYS C 137 -8.43 9.50 -18.36
N SER C 138 -8.33 8.58 -17.40
CA SER C 138 -7.24 8.54 -16.39
C SER C 138 -5.90 8.29 -17.09
N LYS C 139 -5.87 7.43 -18.12
CA LYS C 139 -4.66 7.11 -18.91
C LYS C 139 -4.24 8.32 -19.76
N PHE C 140 -5.19 9.01 -20.39
CA PHE C 140 -4.94 10.25 -21.16
C PHE C 140 -4.38 11.32 -20.21
N ASP C 141 -5.06 11.56 -19.09
CA ASP C 141 -4.70 12.61 -18.08
C ASP C 141 -3.31 12.31 -17.49
N SER C 142 -2.98 11.04 -17.27
CA SER C 142 -1.67 10.58 -16.74
C SER C 142 -0.55 10.93 -17.74
N LEU C 143 -0.80 10.73 -19.03
CA LEU C 143 0.15 11.05 -20.13
C LEU C 143 0.38 12.57 -20.16
N MET C 144 -0.70 13.36 -20.08
CA MET C 144 -0.63 14.85 -20.10
C MET C 144 0.20 15.33 -18.89
N SER C 145 -0.08 14.79 -17.70
CA SER C 145 0.65 15.11 -16.45
C SER C 145 2.14 14.81 -16.62
N LYS C 146 2.50 13.71 -17.27
CA LYS C 146 3.90 13.29 -17.51
C LYS C 146 4.60 14.31 -18.43
N ASP C 147 3.86 14.84 -19.42
CA ASP C 147 4.37 15.90 -20.32
C ASP C 147 4.79 17.12 -19.49
N SER C 148 3.97 17.51 -18.51
CA SER C 148 4.23 18.65 -17.60
C SER C 148 5.46 18.37 -16.71
N ASP C 149 5.62 17.12 -16.23
CA ASP C 149 6.80 16.66 -15.45
C ASP C 149 8.07 16.93 -16.26
N LYS C 150 8.07 16.58 -17.55
CA LYS C 150 9.25 16.63 -18.45
C LYS C 150 9.61 18.07 -18.81
N MET C 151 8.67 19.01 -18.66
CA MET C 151 8.80 20.39 -19.21
C MET C 151 9.04 21.42 -18.10
N ILE C 152 8.55 21.18 -16.87
CA ILE C 152 8.44 22.23 -15.79
C ILE C 152 9.80 22.92 -15.59
N GLU C 153 10.91 22.17 -15.63
CA GLU C 153 12.27 22.71 -15.34
C GLU C 153 12.65 23.70 -16.45
N LYS C 154 12.41 23.34 -17.71
CA LYS C 154 12.64 24.18 -18.91
C LYS C 154 11.73 25.42 -18.85
N LEU C 155 10.50 25.29 -18.33
CA LEU C 155 9.53 26.40 -18.19
C LEU C 155 10.06 27.47 -17.21
N PHE C 156 10.58 27.04 -16.06
CA PHE C 156 11.17 27.92 -15.02
C PHE C 156 12.28 28.79 -15.64
N ASN C 157 13.00 28.24 -16.63
CA ASN C 157 14.22 28.86 -17.24
C ASN C 157 13.85 29.92 -18.28
N VAL C 158 12.64 29.90 -18.85
CA VAL C 158 12.27 30.80 -19.98
C VAL C 158 11.21 31.83 -19.55
N TYR C 159 10.58 31.65 -18.38
CA TYR C 159 9.52 32.56 -17.88
C TYR C 159 9.57 32.64 -16.35
N ASP C 160 9.38 33.87 -15.82
CA ASP C 160 9.34 34.18 -14.37
C ASP C 160 7.89 34.10 -13.88
N PHE C 161 7.46 32.92 -13.43
CA PHE C 161 6.09 32.66 -12.88
C PHE C 161 5.92 33.33 -11.51
N ASN C 162 7.03 33.70 -10.86
CA ASN C 162 7.02 34.27 -9.48
C ASN C 162 6.51 35.72 -9.53
N GLN C 163 6.54 36.37 -10.70
CA GLN C 163 6.04 37.75 -10.89
C GLN C 163 4.50 37.79 -10.75
N HIS C 164 3.84 36.63 -10.87
CA HIS C 164 2.35 36.50 -10.86
C HIS C 164 1.86 36.14 -9.45
N ASP C 165 0.63 36.55 -9.12
N ASP C 165 0.63 36.54 -9.13
CA ASP C 165 -0.04 36.29 -7.82
CA ASP C 165 -0.04 36.30 -7.82
C ASP C 165 -1.12 35.22 -8.00
C ASP C 165 -1.12 35.22 -8.00
N LYS C 166 -2.00 35.38 -9.00
CA LYS C 166 -3.15 34.49 -9.26
C LYS C 166 -3.01 33.86 -10.66
N ILE C 167 -2.85 32.53 -10.71
CA ILE C 167 -2.53 31.75 -11.94
C ILE C 167 -3.64 30.74 -12.18
N LEU C 168 -4.26 30.77 -13.37
CA LEU C 168 -5.26 29.77 -13.82
C LEU C 168 -4.67 28.93 -14.95
N ASP C 169 -4.67 27.60 -14.78
CA ASP C 169 -4.29 26.60 -15.80
C ASP C 169 -5.56 26.25 -16.59
N VAL C 170 -5.74 26.88 -17.76
CA VAL C 170 -6.95 26.73 -18.63
C VAL C 170 -6.80 25.41 -19.39
N GLY C 171 -7.67 24.45 -19.11
CA GLY C 171 -7.59 23.06 -19.63
C GLY C 171 -6.40 22.32 -19.02
N GLY C 172 -6.22 22.43 -17.70
CA GLY C 172 -5.05 21.88 -16.98
C GLY C 172 -5.19 20.41 -16.62
N GLY C 173 -6.39 19.83 -16.76
CA GLY C 173 -6.67 18.41 -16.41
C GLY C 173 -6.42 18.13 -14.95
N GLU C 174 -5.57 17.15 -14.62
CA GLU C 174 -5.17 16.78 -13.23
C GLU C 174 -4.49 17.97 -12.54
N GLY C 175 -4.00 18.94 -13.31
CA GLY C 175 -3.39 20.18 -12.80
C GLY C 175 -1.93 19.98 -12.43
N ASN C 176 -1.26 19.01 -13.05
CA ASN C 176 0.14 18.62 -12.70
C ASN C 176 1.09 19.78 -13.00
N LEU C 177 0.79 20.63 -13.98
CA LEU C 177 1.65 21.81 -14.29
C LEU C 177 1.80 22.68 -13.04
N LEU C 178 0.68 23.00 -12.37
CA LEU C 178 0.65 23.89 -11.18
C LEU C 178 1.10 23.12 -9.93
N ILE C 179 0.86 21.81 -9.87
CA ILE C 179 1.37 20.94 -8.76
C ILE C 179 2.90 21.03 -8.75
N ARG C 180 3.54 20.84 -9.91
CA ARG C 180 5.02 20.90 -10.06
C ARG C 180 5.49 22.35 -9.88
N MET C 181 4.79 23.32 -10.47
CA MET C 181 5.11 24.76 -10.33
C MET C 181 5.14 25.15 -8.85
N SER C 182 4.14 24.71 -8.07
CA SER C 182 3.90 25.11 -6.65
C SER C 182 5.07 24.67 -5.75
N GLU C 183 5.85 23.67 -6.17
CA GLU C 183 7.01 23.13 -5.40
C GLU C 183 8.10 24.20 -5.27
N LYS C 184 8.22 25.11 -6.25
CA LYS C 184 9.30 26.13 -6.31
C LYS C 184 8.74 27.56 -6.36
N VAL C 185 7.49 27.75 -6.80
CA VAL C 185 6.82 29.09 -6.86
C VAL C 185 5.71 29.11 -5.81
N LYS C 186 5.97 29.74 -4.66
CA LYS C 186 5.17 29.60 -3.41
C LYS C 186 4.23 30.79 -3.21
N GLU C 187 3.18 30.58 -2.39
CA GLU C 187 2.27 31.63 -1.85
C GLU C 187 1.51 32.30 -3.00
N LYS C 188 1.02 31.50 -3.95
CA LYS C 188 0.19 31.97 -5.09
C LYS C 188 -1.24 31.43 -4.95
N HIS C 189 -2.19 32.06 -5.65
CA HIS C 189 -3.55 31.51 -5.89
C HIS C 189 -3.49 30.66 -7.16
N TYR C 190 -3.32 29.35 -7.00
CA TYR C 190 -3.29 28.35 -8.11
C TYR C 190 -4.72 27.85 -8.34
N ALA C 191 -5.14 27.85 -9.61
CA ALA C 191 -6.47 27.37 -10.03
C ALA C 191 -6.34 26.61 -11.35
N VAL C 192 -7.19 25.61 -11.56
CA VAL C 192 -7.23 24.77 -12.80
C VAL C 192 -8.67 24.71 -13.31
N LEU C 193 -8.87 25.02 -14.59
CA LEU C 193 -10.17 24.93 -15.28
C LEU C 193 -10.13 23.72 -16.22
N ASP C 194 -11.10 22.82 -16.10
CA ASP C 194 -11.29 21.67 -17.03
C ASP C 194 -12.72 21.15 -16.86
N ARG C 195 -13.05 20.04 -17.52
CA ARG C 195 -14.34 19.31 -17.36
C ARG C 195 -14.07 18.12 -16.42
N TYR C 196 -14.73 18.10 -15.26
CA TYR C 196 -14.54 17.07 -14.21
C TYR C 196 -15.86 16.38 -13.91
N ASN C 197 -15.87 15.05 -13.97
CA ASN C 197 -16.95 14.19 -13.41
C ASN C 197 -16.83 14.21 -11.88
N GLU C 198 -15.60 14.15 -11.37
CA GLU C 198 -15.24 14.39 -9.94
C GLU C 198 -14.07 15.38 -9.88
N LEU C 199 -14.16 16.40 -9.00
CA LEU C 199 -13.11 17.43 -8.80
C LEU C 199 -11.84 16.76 -8.28
N PRO C 200 -10.66 17.04 -8.90
CA PRO C 200 -9.38 16.69 -8.29
C PRO C 200 -9.17 17.43 -6.96
N ASP C 201 -8.19 16.98 -6.18
CA ASP C 201 -7.83 17.54 -4.85
C ASP C 201 -6.31 17.52 -4.69
N TYR C 202 -5.69 18.68 -4.52
CA TYR C 202 -4.25 18.84 -4.17
C TYR C 202 -4.02 20.18 -3.45
N GLY C 203 -3.59 20.11 -2.18
CA GLY C 203 -3.26 21.29 -1.36
C GLY C 203 -4.33 22.36 -1.47
N ASN C 204 -3.94 23.58 -1.84
CA ASN C 204 -4.84 24.76 -1.93
C ASN C 204 -5.15 25.09 -3.39
N ILE C 205 -4.90 24.17 -4.34
CA ILE C 205 -5.23 24.39 -5.77
C ILE C 205 -6.76 24.38 -5.92
N ASN C 206 -7.31 25.44 -6.52
CA ASN C 206 -8.76 25.60 -6.81
C ASN C 206 -9.08 24.92 -8.15
N PHE C 207 -9.62 23.70 -8.12
CA PHE C 207 -10.09 22.98 -9.33
C PHE C 207 -11.51 23.47 -9.65
N ILE C 208 -11.69 24.04 -10.85
CA ILE C 208 -12.98 24.62 -11.34
C ILE C 208 -13.51 23.71 -12.45
N ASP C 209 -14.70 23.16 -12.25
CA ASP C 209 -15.45 22.44 -13.32
C ASP C 209 -16.12 23.49 -14.21
N GLY C 210 -15.75 23.53 -15.49
CA GLY C 210 -16.25 24.54 -16.43
C GLY C 210 -16.13 24.10 -17.88
N ASP C 211 -16.09 25.08 -18.78
CA ASP C 211 -16.11 24.89 -20.25
C ASP C 211 -15.55 26.17 -20.86
N PHE C 212 -14.35 26.11 -21.45
CA PHE C 212 -13.63 27.32 -21.94
C PHE C 212 -14.28 27.85 -23.23
N PHE C 213 -15.28 27.15 -23.80
CA PHE C 213 -16.08 27.64 -24.94
C PHE C 213 -17.22 28.55 -24.43
N LYS C 214 -17.56 28.45 -23.14
CA LYS C 214 -18.68 29.21 -22.52
C LYS C 214 -18.13 30.47 -21.85
N SER C 215 -17.17 30.31 -20.94
CA SER C 215 -16.60 31.43 -20.15
C SER C 215 -15.29 31.00 -19.47
N ILE C 216 -14.46 31.98 -19.12
CA ILE C 216 -13.19 31.80 -18.36
C ILE C 216 -13.32 32.59 -17.06
N PRO C 217 -12.99 32.01 -15.89
CA PRO C 217 -12.95 32.77 -14.64
C PRO C 217 -12.09 34.04 -14.74
N SER C 218 -12.61 35.16 -14.24
CA SER C 218 -11.92 36.47 -14.19
C SER C 218 -11.02 36.55 -12.95
N GLY C 219 -10.17 37.58 -12.88
CA GLY C 219 -9.43 37.97 -11.67
C GLY C 219 -8.06 37.31 -11.54
N TYR C 220 -7.61 36.60 -12.59
CA TYR C 220 -6.27 35.96 -12.64
C TYR C 220 -5.34 36.84 -13.49
N ASP C 221 -4.10 37.04 -13.04
CA ASP C 221 -3.10 37.90 -13.74
C ASP C 221 -2.27 37.04 -14.70
N LEU C 222 -2.34 35.70 -14.60
CA LEU C 222 -1.75 34.76 -15.59
C LEU C 222 -2.74 33.65 -15.93
N TYR C 223 -3.04 33.49 -17.23
CA TYR C 223 -3.83 32.39 -17.82
C TYR C 223 -2.91 31.53 -18.67
N ILE C 224 -2.73 30.25 -18.30
CA ILE C 224 -1.84 29.31 -19.03
C ILE C 224 -2.71 28.38 -19.89
N LEU C 225 -2.41 28.32 -21.19
N LEU C 225 -2.39 28.31 -21.18
CA LEU C 225 -3.00 27.36 -22.15
CA LEU C 225 -2.99 27.35 -22.15
C LEU C 225 -1.88 26.42 -22.66
C LEU C 225 -1.88 26.42 -22.66
N LYS C 226 -1.73 25.25 -22.02
CA LYS C 226 -0.68 24.26 -22.38
C LYS C 226 -1.33 23.11 -23.14
N ASN C 227 -0.88 22.87 -24.38
CA ASN C 227 -1.33 21.75 -25.24
C ASN C 227 -2.87 21.75 -25.32
N VAL C 228 -3.46 22.94 -25.49
CA VAL C 228 -4.93 23.13 -25.67
C VAL C 228 -5.21 23.57 -27.11
N ILE C 229 -4.56 24.66 -27.56
CA ILE C 229 -4.92 25.38 -28.83
C ILE C 229 -4.80 24.44 -30.03
N HIS C 230 -3.82 23.53 -30.03
CA HIS C 230 -3.54 22.61 -31.17
C HIS C 230 -4.67 21.57 -31.32
N ASP C 231 -5.54 21.42 -30.32
CA ASP C 231 -6.68 20.46 -30.36
C ASP C 231 -7.81 20.97 -31.25
N TRP C 232 -7.83 22.27 -31.60
CA TRP C 232 -9.06 22.97 -32.07
C TRP C 232 -8.86 23.61 -33.44
N PRO C 233 -9.89 23.54 -34.31
CA PRO C 233 -9.94 24.37 -35.52
C PRO C 233 -9.90 25.86 -35.16
N ASP C 234 -9.60 26.72 -36.15
CA ASP C 234 -9.37 28.17 -35.99
C ASP C 234 -10.52 28.82 -35.19
N ASN C 235 -11.77 28.63 -35.61
CA ASN C 235 -12.96 29.30 -35.01
C ASN C 235 -13.10 28.89 -33.53
N ASP C 236 -12.83 27.62 -33.20
CA ASP C 236 -12.91 27.09 -31.82
C ASP C 236 -11.75 27.67 -30.98
N ALA C 237 -10.53 27.71 -31.53
CA ALA C 237 -9.33 28.26 -30.87
C ALA C 237 -9.54 29.76 -30.59
N ILE C 238 -10.13 30.48 -31.54
CA ILE C 238 -10.43 31.94 -31.41
C ILE C 238 -11.45 32.15 -30.27
N LEU C 239 -12.46 31.29 -30.15
CA LEU C 239 -13.51 31.40 -29.10
C LEU C 239 -12.85 31.23 -27.71
N ILE C 240 -11.93 30.27 -27.56
CA ILE C 240 -11.19 30.05 -26.29
C ILE C 240 -10.43 31.34 -25.95
N LEU C 241 -9.59 31.83 -26.87
CA LEU C 241 -8.70 33.00 -26.66
C LEU C 241 -9.54 34.26 -26.41
N GLU C 242 -10.67 34.41 -27.11
CA GLU C 242 -11.59 35.57 -26.97
C GLU C 242 -12.24 35.52 -25.58
N ASN C 243 -12.66 34.34 -25.12
CA ASN C 243 -13.23 34.12 -23.76
C ASN C 243 -12.19 34.52 -22.71
N CYS C 244 -10.91 34.14 -22.92
CA CYS C 244 -9.78 34.51 -22.03
C CYS C 244 -9.60 36.03 -22.02
N ARG C 245 -9.64 36.67 -23.20
CA ARG C 245 -9.44 38.14 -23.36
C ARG C 245 -10.54 38.90 -22.60
N LYS C 246 -11.80 38.47 -22.72
CA LYS C 246 -12.95 39.13 -22.06
C LYS C 246 -12.89 38.93 -20.54
N ALA C 247 -12.33 37.80 -20.08
CA ALA C 247 -12.21 37.46 -18.64
C ALA C 247 -11.08 38.27 -18.00
N MET C 248 -9.97 38.48 -18.71
CA MET C 248 -8.69 39.00 -18.16
C MET C 248 -8.71 40.53 -18.12
N GLY C 249 -7.94 41.12 -17.21
CA GLY C 249 -7.71 42.57 -17.10
C GLY C 249 -6.67 43.05 -18.10
N ASN C 250 -6.54 44.37 -18.26
CA ASN C 250 -5.64 45.02 -19.26
C ASN C 250 -4.18 44.67 -18.98
N ASN C 251 -3.80 44.39 -17.74
CA ASN C 251 -2.40 44.14 -17.32
C ASN C 251 -2.15 42.63 -17.13
N ALA C 252 -3.15 41.78 -17.38
CA ALA C 252 -3.05 40.31 -17.24
C ALA C 252 -2.30 39.74 -18.44
N THR C 253 -1.82 38.49 -18.32
CA THR C 253 -1.02 37.77 -19.35
C THR C 253 -1.68 36.43 -19.66
N ILE C 254 -1.74 36.09 -20.95
CA ILE C 254 -1.98 34.69 -21.44
C ILE C 254 -0.62 34.13 -21.87
N LEU C 255 -0.28 32.93 -21.38
CA LEU C 255 0.93 32.18 -21.80
C LEU C 255 0.47 30.91 -22.52
N LEU C 256 0.66 30.86 -23.84
CA LEU C 256 0.47 29.62 -24.65
C LEU C 256 1.76 28.80 -24.55
N ILE C 257 1.65 27.58 -24.02
CA ILE C 257 2.73 26.56 -24.05
C ILE C 257 2.30 25.53 -25.11
N THR C 258 2.99 25.52 -26.25
CA THR C 258 2.49 24.90 -27.49
C THR C 258 3.66 24.38 -28.34
N LEU C 259 3.42 23.27 -29.05
CA LEU C 259 4.22 22.90 -30.25
C LEU C 259 4.03 24.03 -31.26
N MET C 260 5.08 24.36 -32.01
CA MET C 260 5.04 25.45 -33.00
C MET C 260 5.82 25.02 -34.24
N LYS C 261 5.22 25.21 -35.42
CA LYS C 261 5.82 24.90 -36.74
C LYS C 261 7.11 25.70 -36.89
N LYS C 262 8.26 25.04 -36.73
CA LYS C 262 9.62 25.57 -36.99
C LYS C 262 10.27 24.72 -38.08
N PRO C 263 11.31 25.22 -38.78
CA PRO C 263 12.03 24.40 -39.77
C PRO C 263 12.85 23.25 -39.17
N GLN C 264 13.17 23.30 -37.87
CA GLN C 264 14.07 22.32 -37.19
C GLN C 264 13.27 21.27 -36.41
N SER C 265 11.94 21.20 -36.56
CA SER C 265 11.07 20.23 -35.84
C SER C 265 10.67 19.09 -36.78
N ASN C 266 10.87 17.84 -36.34
CA ASN C 266 10.55 16.61 -37.13
C ASN C 266 9.33 15.89 -36.53
N ILE C 267 8.95 16.17 -35.28
CA ILE C 267 7.77 15.52 -34.61
C ILE C 267 6.48 16.29 -34.95
N ILE C 268 6.60 17.57 -35.33
CA ILE C 268 5.45 18.52 -35.40
C ILE C 268 4.46 18.05 -36.48
N LYS C 269 4.94 17.41 -37.56
CA LYS C 269 4.08 16.91 -38.67
C LYS C 269 3.36 15.63 -38.21
N TYR C 270 3.96 14.84 -37.32
CA TYR C 270 3.32 13.62 -36.74
C TYR C 270 2.21 14.04 -35.78
N PHE C 271 2.39 15.16 -35.08
CA PHE C 271 1.36 15.76 -34.18
C PHE C 271 0.22 16.34 -35.02
N ASP C 272 0.54 16.93 -36.17
CA ASP C 272 -0.45 17.63 -37.03
C ASP C 272 -1.55 16.65 -37.47
N ILE C 273 -1.17 15.47 -38.00
CA ILE C 273 -2.12 14.44 -38.51
C ILE C 273 -2.92 13.86 -37.34
N LEU C 274 -2.28 13.68 -36.17
CA LEU C 274 -2.93 13.20 -34.92
C LEU C 274 -4.03 14.17 -34.52
N MET C 275 -3.72 15.48 -34.46
CA MET C 275 -4.70 16.54 -34.08
C MET C 275 -5.87 16.56 -35.07
N ASP C 276 -5.58 16.41 -36.37
CA ASP C 276 -6.63 16.40 -37.44
C ASP C 276 -7.58 15.22 -37.18
N VAL C 277 -7.01 14.01 -37.07
CA VAL C 277 -7.78 12.74 -36.88
C VAL C 277 -8.54 12.79 -35.56
N SER C 278 -7.92 13.32 -34.50
CA SER C 278 -8.46 13.32 -33.11
C SER C 278 -9.64 14.30 -32.98
N SER C 279 -9.52 15.53 -33.48
CA SER C 279 -10.47 16.64 -33.17
C SER C 279 -10.48 17.73 -34.24
N LEU C 280 -10.03 17.45 -35.47
CA LEU C 280 -9.81 18.46 -36.54
C LEU C 280 -8.96 19.62 -36.00
N GLY C 281 -8.05 19.33 -35.07
CA GLY C 281 -7.06 20.30 -34.60
C GLY C 281 -5.96 20.48 -35.64
N LYS C 282 -4.93 21.26 -35.31
CA LYS C 282 -3.79 21.49 -36.21
C LYS C 282 -2.64 22.14 -35.45
N GLU C 283 -1.42 21.93 -35.92
CA GLU C 283 -0.22 22.65 -35.46
C GLU C 283 -0.06 23.89 -36.32
N ARG C 284 0.46 24.98 -35.74
CA ARG C 284 0.47 26.33 -36.35
C ARG C 284 1.88 26.94 -36.26
N ASP C 285 2.22 27.78 -37.24
CA ASP C 285 3.42 28.66 -37.24
C ASP C 285 3.05 29.98 -36.57
N LEU C 286 4.00 30.92 -36.46
CA LEU C 286 3.83 32.23 -35.79
C LEU C 286 2.71 33.03 -36.47
N THR C 287 2.72 33.09 -37.80
CA THR C 287 1.70 33.80 -38.62
C THR C 287 0.30 33.31 -38.19
N GLU C 288 0.12 32.00 -38.07
CA GLU C 288 -1.18 31.36 -37.75
C GLU C 288 -1.59 31.69 -36.32
N PHE C 289 -0.64 31.75 -35.38
CA PHE C 289 -0.88 32.15 -33.97
C PHE C 289 -1.21 33.65 -33.92
N GLU C 290 -0.51 34.47 -34.71
CA GLU C 290 -0.77 35.93 -34.84
C GLU C 290 -2.22 36.14 -35.30
N TYR C 291 -2.71 35.30 -36.22
CA TYR C 291 -4.10 35.37 -36.75
C TYR C 291 -5.09 35.12 -35.61
N LEU C 292 -4.89 34.05 -34.83
CA LEU C 292 -5.77 33.65 -33.69
C LEU C 292 -5.82 34.80 -32.67
N ALA C 293 -4.66 35.35 -32.31
CA ALA C 293 -4.49 36.45 -31.33
C ALA C 293 -5.31 37.67 -31.77
N ASN C 294 -5.09 38.12 -33.02
CA ASN C 294 -5.74 39.33 -33.59
C ASN C 294 -7.27 39.16 -33.55
N GLN C 295 -7.77 38.02 -34.04
CA GLN C 295 -9.22 37.69 -34.09
C GLN C 295 -9.82 37.68 -32.67
N ALA C 296 -9.02 37.27 -31.67
CA ALA C 296 -9.45 37.17 -30.25
C ALA C 296 -9.33 38.52 -29.53
N GLY C 297 -8.71 39.52 -30.17
CA GLY C 297 -8.46 40.86 -29.59
C GLY C 297 -7.25 40.85 -28.67
N LEU C 298 -6.26 40.00 -28.98
CA LEU C 298 -4.97 39.89 -28.24
C LEU C 298 -3.83 40.32 -29.17
N VAL C 299 -2.65 40.57 -28.60
CA VAL C 299 -1.38 40.82 -29.35
C VAL C 299 -0.29 39.93 -28.74
N ILE C 300 0.54 39.30 -29.58
CA ILE C 300 1.75 38.54 -29.14
C ILE C 300 2.78 39.56 -28.68
N GLN C 301 3.23 39.45 -27.43
CA GLN C 301 4.24 40.35 -26.80
C GLN C 301 5.62 39.73 -26.88
N ASP C 302 5.70 38.39 -26.89
CA ASP C 302 6.98 37.65 -26.85
C ASP C 302 6.78 36.21 -27.31
N VAL C 303 7.80 35.63 -27.95
CA VAL C 303 7.91 34.18 -28.31
C VAL C 303 9.30 33.71 -27.93
N LYS C 304 9.39 32.61 -27.17
CA LYS C 304 10.68 31.98 -26.77
C LYS C 304 10.56 30.47 -26.93
N ASP C 305 11.59 29.84 -27.51
CA ASP C 305 11.72 28.36 -27.59
C ASP C 305 11.80 27.81 -26.16
N ILE C 306 11.06 26.74 -25.88
CA ILE C 306 11.23 25.89 -24.67
C ILE C 306 12.30 24.83 -25.01
N ASP C 307 12.19 24.23 -26.19
CA ASP C 307 13.17 23.27 -26.76
C ASP C 307 13.04 23.29 -28.29
N GLU C 308 13.39 22.19 -28.96
CA GLU C 308 13.41 22.09 -30.45
C GLU C 308 11.98 22.19 -31.02
N SER C 309 10.97 21.77 -30.25
CA SER C 309 9.57 21.58 -30.71
C SER C 309 8.60 22.54 -30.00
N TYR C 310 8.73 22.70 -28.68
CA TYR C 310 7.82 23.53 -27.84
C TYR C 310 8.30 24.97 -27.82
N SER C 311 7.34 25.91 -27.80
CA SER C 311 7.55 27.37 -27.59
C SER C 311 6.59 27.88 -26.52
N ILE C 312 6.88 29.04 -25.93
CA ILE C 312 5.92 29.87 -25.15
C ILE C 312 5.56 31.09 -25.99
N ILE C 313 4.27 31.38 -26.14
CA ILE C 313 3.77 32.64 -26.74
C ILE C 313 3.10 33.44 -25.63
N GLN C 314 3.65 34.61 -25.33
CA GLN C 314 3.13 35.55 -24.30
C GLN C 314 2.22 36.55 -24.99
N LEU C 315 0.94 36.61 -24.61
CA LEU C 315 -0.05 37.54 -25.20
C LEU C 315 -0.60 38.49 -24.13
N GLY C 316 -0.92 39.72 -24.54
CA GLY C 316 -1.67 40.71 -23.74
C GLY C 316 -2.91 41.16 -24.48
N VAL C 317 -3.79 41.89 -23.79
CA VAL C 317 -5.00 42.54 -24.37
C VAL C 317 -4.52 43.56 -25.42
N LYS C 318 -5.14 43.56 -26.60
CA LYS C 318 -4.78 44.46 -27.72
C LYS C 318 -4.93 45.93 -27.27
N SER D 1 40.07 23.32 26.84
CA SER D 1 40.61 21.95 27.17
C SER D 1 40.24 20.97 26.06
N MET D 2 41.16 20.07 25.70
CA MET D 2 40.97 19.07 24.59
C MET D 2 39.79 18.16 24.95
N LEU D 3 39.57 17.91 26.25
CA LEU D 3 38.45 17.09 26.78
C LEU D 3 37.12 17.75 26.40
N ALA D 4 36.96 19.04 26.70
CA ALA D 4 35.75 19.85 26.41
C ALA D 4 35.43 19.78 24.91
N GLU D 5 36.45 19.82 24.05
CA GLU D 5 36.29 19.76 22.56
C GLU D 5 35.75 18.38 22.17
N LEU D 6 36.26 17.31 22.80
CA LEU D 6 35.81 15.91 22.57
C LEU D 6 34.34 15.76 23.00
N ILE D 7 33.97 16.36 24.14
CA ILE D 7 32.62 16.23 24.75
C ILE D 7 31.58 16.93 23.86
N THR D 8 31.95 18.04 23.20
CA THR D 8 31.04 18.86 22.35
C THR D 8 31.22 18.51 20.86
N SER D 9 32.04 17.50 20.55
CA SER D 9 32.39 17.08 19.17
C SER D 9 31.13 16.71 18.36
N TYR D 10 30.09 16.22 19.03
CA TYR D 10 28.79 15.80 18.43
C TYR D 10 28.13 16.97 17.70
N ARG D 11 28.40 18.21 18.13
CA ARG D 11 27.82 19.44 17.52
C ARG D 11 28.31 19.59 16.08
N LYS D 12 29.53 19.11 15.78
CA LYS D 12 30.10 19.12 14.41
C LYS D 12 29.30 18.17 13.53
N SER D 13 28.99 16.97 14.02
CA SER D 13 28.17 15.94 13.34
C SER D 13 26.80 16.51 13.00
N ILE D 14 26.16 17.18 13.95
CA ILE D 14 24.78 17.74 13.83
C ILE D 14 24.76 18.88 12.82
N ALA D 15 25.82 19.70 12.78
CA ALA D 15 25.98 20.80 11.80
C ALA D 15 25.94 20.24 10.37
N ILE D 16 26.66 19.13 10.13
CA ILE D 16 26.74 18.46 8.79
C ILE D 16 25.38 17.81 8.49
N TYR D 17 24.81 17.12 9.48
CA TYR D 17 23.44 16.53 9.43
C TYR D 17 22.44 17.59 8.95
N THR D 18 22.47 18.77 9.59
CA THR D 18 21.54 19.91 9.34
C THR D 18 21.77 20.48 7.94
N PHE D 19 23.03 20.67 7.54
CA PHE D 19 23.45 21.17 6.20
C PHE D 19 22.83 20.29 5.11
N VAL D 20 22.81 18.96 5.30
CA VAL D 20 22.22 17.98 4.34
C VAL D 20 20.70 17.99 4.48
N ASP D 21 20.19 17.83 5.71
CA ASP D 21 18.74 17.60 5.99
C ASP D 21 17.90 18.79 5.54
N THR D 22 18.44 20.02 5.60
CA THR D 22 17.75 21.27 5.18
C THR D 22 17.64 21.35 3.65
N GLY D 23 18.43 20.55 2.92
CA GLY D 23 18.47 20.52 1.44
C GLY D 23 19.41 21.56 0.88
N LEU D 24 20.23 22.20 1.73
CA LEU D 24 21.16 23.29 1.32
C LEU D 24 22.32 22.72 0.49
N SER D 25 22.84 21.54 0.88
CA SER D 25 24.10 20.96 0.37
C SER D 25 24.09 20.83 -1.16
N VAL D 26 22.92 20.57 -1.76
CA VAL D 26 22.79 20.21 -3.21
C VAL D 26 22.90 21.46 -4.10
N HIS D 27 23.15 22.64 -3.53
CA HIS D 27 23.38 23.92 -4.27
C HIS D 27 24.88 24.21 -4.42
N PHE D 28 25.74 23.38 -3.80
CA PHE D 28 27.21 23.59 -3.69
C PHE D 28 27.94 22.63 -4.64
N LYS D 29 27.36 22.36 -5.81
CA LYS D 29 27.95 21.48 -6.86
C LYS D 29 29.16 22.18 -7.50
N ASN D 30 30.25 21.43 -7.71
CA ASN D 30 31.41 21.83 -8.54
C ASN D 30 32.16 23.00 -7.89
N GLY D 31 32.17 23.07 -6.55
CA GLY D 31 32.89 24.10 -5.78
C GLY D 31 32.43 25.51 -6.11
N THR D 32 31.13 25.68 -6.42
CA THR D 32 30.50 26.99 -6.72
C THR D 32 30.32 27.77 -5.42
N TYR D 33 30.53 29.09 -5.45
CA TYR D 33 30.45 30.00 -4.29
C TYR D 33 29.03 30.60 -4.22
N MET D 34 28.27 30.20 -3.20
CA MET D 34 26.84 30.55 -3.00
C MET D 34 26.72 31.77 -2.08
N ASP D 35 25.78 32.67 -2.40
CA ASP D 35 25.43 33.87 -1.59
C ASP D 35 24.48 33.40 -0.48
N ILE D 36 24.83 33.66 0.79
CA ILE D 36 24.12 33.11 1.97
C ILE D 36 22.72 33.75 2.03
N ASN D 37 22.62 35.07 1.80
CA ASN D 37 21.34 35.82 1.68
C ASN D 37 20.40 35.09 0.72
N GLU D 38 20.92 34.65 -0.43
CA GLU D 38 20.12 34.06 -1.54
C GLU D 38 19.56 32.70 -1.09
N LEU D 39 20.39 31.88 -0.43
CA LEU D 39 19.98 30.54 0.10
C LEU D 39 18.89 30.72 1.17
N ALA D 40 19.13 31.64 2.12
CA ALA D 40 18.21 31.93 3.26
C ALA D 40 16.82 32.28 2.72
N SER D 41 16.77 33.20 1.74
CA SER D 41 15.53 33.66 1.06
C SER D 41 14.85 32.46 0.38
N GLN D 42 15.62 31.66 -0.34
CA GLN D 42 15.15 30.52 -1.16
C GLN D 42 14.52 29.44 -0.26
N TYR D 43 15.09 29.19 0.92
CA TYR D 43 14.74 28.05 1.81
C TYR D 43 13.88 28.51 3.00
N GLY D 44 13.53 29.80 3.07
CA GLY D 44 12.68 30.37 4.14
C GLY D 44 13.36 30.28 5.51
N ILE D 45 14.69 30.35 5.53
CA ILE D 45 15.52 30.33 6.77
C ILE D 45 15.91 31.77 7.10
N ASP D 46 15.87 32.15 8.38
CA ASP D 46 16.36 33.46 8.88
C ASP D 46 17.83 33.62 8.48
N TYR D 47 18.19 34.72 7.81
CA TYR D 47 19.54 34.96 7.25
C TYR D 47 20.62 34.78 8.34
N SER D 48 20.47 35.48 9.46
CA SER D 48 21.47 35.54 10.56
C SER D 48 21.74 34.13 11.11
N ARG D 49 20.69 33.35 11.35
CA ARG D 49 20.77 31.96 11.89
C ARG D 49 21.51 31.06 10.90
N LEU D 50 21.25 31.23 9.59
CA LEU D 50 21.91 30.44 8.52
C LEU D 50 23.39 30.85 8.43
N ASN D 51 23.66 32.17 8.50
CA ASN D 51 25.03 32.74 8.43
C ASN D 51 25.87 32.17 9.58
N ARG D 52 25.29 32.10 10.78
CA ARG D 52 25.95 31.54 12.00
C ARG D 52 26.26 30.06 11.78
N LEU D 53 25.33 29.28 11.22
CA LEU D 53 25.56 27.85 10.89
C LEU D 53 26.74 27.75 9.92
N CYS D 54 26.72 28.55 8.85
CA CYS D 54 27.79 28.61 7.82
C CYS D 54 29.13 28.94 8.51
N ASP D 55 29.15 29.90 9.42
CA ASP D 55 30.35 30.30 10.21
C ASP D 55 30.91 29.09 10.96
N PHE D 56 30.05 28.27 11.56
CA PHE D 56 30.43 27.03 12.29
C PHE D 56 31.00 26.01 11.30
N LEU D 57 30.37 25.85 10.13
CA LEU D 57 30.81 24.88 9.08
C LEU D 57 32.18 25.31 8.53
N ILE D 58 32.43 26.61 8.40
CA ILE D 58 33.76 27.18 7.99
C ILE D 58 34.78 26.82 9.07
N GLU D 59 34.44 27.01 10.35
CA GLU D 59 35.31 26.74 11.52
C GLU D 59 35.77 25.28 11.51
N ILE D 60 34.88 24.34 11.18
CA ILE D 60 35.15 22.88 11.24
C ILE D 60 35.62 22.37 9.87
N GLY D 61 35.74 23.26 8.87
CA GLY D 61 36.42 22.99 7.59
C GLY D 61 35.51 22.37 6.54
N VAL D 62 34.19 22.44 6.72
CA VAL D 62 33.19 21.88 5.76
C VAL D 62 32.95 22.92 4.66
N LEU D 63 32.86 24.20 5.01
CA LEU D 63 32.71 25.33 4.07
C LEU D 63 33.99 26.17 4.04
N VAL D 64 34.17 26.94 2.98
CA VAL D 64 35.20 28.01 2.82
C VAL D 64 34.47 29.28 2.37
N SER D 65 34.99 30.45 2.74
CA SER D 65 34.33 31.76 2.55
C SER D 65 35.22 32.70 1.73
N SER D 66 34.61 33.47 0.82
CA SER D 66 35.24 34.61 0.11
C SER D 66 34.19 35.69 -0.16
N ASN D 67 34.38 36.87 0.44
CA ASN D 67 33.50 38.07 0.28
C ASN D 67 32.06 37.69 0.67
N ASP D 68 31.89 36.99 1.79
CA ASP D 68 30.59 36.64 2.42
C ASP D 68 29.82 35.60 1.59
N ARG D 69 30.42 35.06 0.51
CA ARG D 69 29.91 33.87 -0.22
C ARG D 69 30.63 32.64 0.33
N VAL D 70 29.97 31.47 0.30
CA VAL D 70 30.54 30.19 0.80
C VAL D 70 30.45 29.13 -0.30
N ALA D 71 31.47 28.28 -0.37
CA ALA D 71 31.53 27.04 -1.18
C ALA D 71 31.90 25.88 -0.26
N LEU D 72 31.60 24.64 -0.67
CA LEU D 72 32.07 23.42 0.03
C LEU D 72 33.60 23.36 -0.06
N SER D 73 34.26 22.93 1.01
CA SER D 73 35.73 22.71 1.05
C SER D 73 36.08 21.58 0.08
N GLU D 74 37.36 21.44 -0.27
CA GLU D 74 37.85 20.44 -1.26
C GLU D 74 37.52 19.04 -0.75
N GLU D 75 37.72 18.79 0.54
CA GLU D 75 37.56 17.44 1.17
C GLU D 75 36.08 17.13 1.44
N CYS D 76 35.17 18.09 1.23
CA CYS D 76 33.73 17.95 1.55
C CYS D 76 32.84 18.17 0.31
N ARG D 77 33.42 18.35 -0.88
CA ARG D 77 32.69 18.57 -2.16
C ARG D 77 31.59 17.51 -2.33
N VAL D 78 31.86 16.28 -1.87
CA VAL D 78 30.96 15.08 -1.97
C VAL D 78 29.57 15.37 -1.38
N LEU D 79 29.45 16.30 -0.41
CA LEU D 79 28.15 16.62 0.25
C LEU D 79 27.15 17.19 -0.77
N ALA D 80 27.63 17.80 -1.86
CA ALA D 80 26.80 18.34 -2.95
C ALA D 80 26.12 17.20 -3.73
N ASP D 81 26.72 16.00 -3.72
CA ASP D 81 26.21 14.78 -4.40
C ASP D 81 25.35 13.98 -3.42
N PRO D 82 24.02 13.90 -3.64
CA PRO D 82 23.12 13.21 -2.70
C PRO D 82 23.32 11.69 -2.62
N GLU D 83 24.03 11.10 -3.60
CA GLU D 83 24.27 9.64 -3.70
C GLU D 83 25.70 9.30 -3.23
N SER D 84 26.50 10.30 -2.84
CA SER D 84 27.85 10.11 -2.25
C SER D 84 27.70 9.36 -0.92
N MET D 85 28.69 8.54 -0.55
CA MET D 85 28.71 7.77 0.71
C MET D 85 28.40 8.70 1.88
N GLU D 86 29.09 9.84 1.95
CA GLU D 86 29.01 10.82 3.06
C GLU D 86 27.58 11.37 3.18
N SER D 87 26.95 11.70 2.05
CA SER D 87 25.54 12.20 1.98
C SER D 87 24.58 11.14 2.51
N LEU D 88 24.76 9.88 2.10
CA LEU D 88 23.89 8.74 2.49
C LEU D 88 24.07 8.42 3.99
N ILE D 89 25.29 8.58 4.52
CA ILE D 89 25.58 8.43 5.98
C ILE D 89 24.82 9.53 6.73
N ALA D 90 24.94 10.79 6.26
CA ALA D 90 24.32 11.99 6.87
C ALA D 90 22.79 11.85 6.89
N LYS D 91 22.21 11.19 5.89
CA LYS D 91 20.74 11.02 5.73
C LYS D 91 20.25 9.84 6.59
N TRP D 92 21.14 8.94 6.99
CA TRP D 92 20.81 7.71 7.77
C TRP D 92 21.15 7.88 9.25
N GLU D 93 22.38 8.29 9.56
CA GLU D 93 23.06 8.12 10.88
C GLU D 93 22.23 8.72 12.02
N PHE D 94 21.51 9.82 11.78
CA PHE D 94 20.91 10.68 12.83
C PHE D 94 19.40 10.44 12.96
N ASN D 95 18.90 9.33 12.39
CA ASN D 95 17.52 8.81 12.67
C ASN D 95 17.37 8.70 14.19
N SER D 96 16.18 9.05 14.71
CA SER D 96 15.88 9.18 16.16
C SER D 96 16.24 7.89 16.92
N GLY D 97 15.94 6.72 16.34
CA GLY D 97 16.17 5.39 16.93
C GLY D 97 17.64 5.18 17.28
N LEU D 98 18.54 5.36 16.31
CA LEU D 98 20.00 5.14 16.48
C LEU D 98 20.58 6.24 17.38
N TRP D 99 20.21 7.50 17.15
CA TRP D 99 20.66 8.66 17.94
C TRP D 99 20.42 8.40 19.44
N ASN D 100 19.23 7.92 19.79
CA ASN D 100 18.80 7.68 21.20
C ASN D 100 19.44 6.41 21.74
N ALA D 101 19.80 5.45 20.89
CA ALA D 101 20.50 4.20 21.26
C ALA D 101 21.77 4.52 22.05
N TRP D 102 22.51 5.55 21.63
CA TRP D 102 23.82 5.95 22.22
C TRP D 102 23.67 6.34 23.70
N LEU D 103 22.52 6.89 24.10
CA LEU D 103 22.25 7.32 25.49
C LEU D 103 22.13 6.11 26.42
N MET D 104 21.82 4.93 25.89
CA MET D 104 21.62 3.68 26.67
C MET D 104 22.86 2.78 26.60
N TYR D 105 23.96 3.26 26.02
CA TYR D 105 25.24 2.50 25.87
C TYR D 105 25.79 2.14 27.25
N PRO D 106 25.82 3.08 28.23
CA PRO D 106 26.28 2.74 29.59
C PRO D 106 25.40 1.68 30.26
N LYS D 107 24.08 1.86 30.17
CA LYS D 107 23.04 0.96 30.74
C LYS D 107 23.23 -0.45 30.16
N SER D 108 23.45 -0.55 28.85
CA SER D 108 23.69 -1.83 28.12
C SER D 108 24.96 -2.50 28.65
N LEU D 109 26.01 -1.72 28.91
CA LEU D 109 27.32 -2.21 29.42
C LEU D 109 27.13 -2.87 30.80
N LEU D 110 26.37 -2.23 31.69
CA LEU D 110 26.20 -2.65 33.10
C LEU D 110 25.15 -3.76 33.24
N GLU D 111 24.16 -3.82 32.34
CA GLU D 111 22.97 -4.71 32.48
C GLU D 111 23.37 -6.18 32.22
N ASN D 112 24.03 -6.47 31.10
CA ASN D 112 24.45 -7.85 30.70
C ASN D 112 23.20 -8.74 30.59
N ASN D 113 22.14 -8.22 29.97
CA ASN D 113 20.82 -8.91 29.80
C ASN D 113 20.72 -9.52 28.40
N GLY D 114 21.74 -9.33 27.56
CA GLY D 114 21.75 -9.75 26.14
C GLY D 114 21.06 -8.74 25.25
N LYS D 115 20.63 -7.59 25.81
CA LYS D 115 19.94 -6.49 25.08
C LYS D 115 20.97 -5.40 24.72
N SER D 116 21.03 -5.03 23.43
CA SER D 116 21.84 -3.91 22.90
C SER D 116 21.28 -2.58 23.42
N ALA D 117 22.12 -1.54 23.47
CA ALA D 117 21.75 -0.16 23.85
C ALA D 117 20.55 0.29 22.99
N PHE D 118 20.57 -0.04 21.70
CA PHE D 118 19.48 0.26 20.72
C PHE D 118 18.17 -0.36 21.21
N GLU D 119 18.21 -1.62 21.65
CA GLU D 119 17.02 -2.39 22.10
C GLU D 119 16.46 -1.75 23.39
N ILE D 120 17.34 -1.36 24.33
CA ILE D 120 16.94 -0.70 25.61
C ILE D 120 16.24 0.62 25.27
N ALA D 121 16.78 1.37 24.32
CA ALA D 121 16.30 2.72 23.91
C ALA D 121 14.97 2.62 23.14
N ASN D 122 14.85 1.64 22.24
CA ASN D 122 13.76 1.59 21.22
C ASN D 122 12.74 0.49 21.54
N GLY D 123 13.06 -0.41 22.48
CA GLY D 123 12.17 -1.51 22.91
C GLY D 123 12.13 -2.65 21.91
N LYS D 124 12.92 -2.58 20.83
CA LYS D 124 13.03 -3.62 19.78
C LYS D 124 14.48 -3.72 19.32
N PRO D 125 14.96 -4.93 18.92
CA PRO D 125 16.27 -5.06 18.30
C PRO D 125 16.30 -4.34 16.94
N PHE D 126 17.51 -3.98 16.49
CA PHE D 126 17.79 -3.08 15.34
C PHE D 126 16.91 -3.45 14.13
N PHE D 127 17.03 -4.69 13.65
CA PHE D 127 16.42 -5.14 12.37
C PHE D 127 14.89 -5.26 12.53
N GLU D 128 14.41 -5.62 13.71
CA GLU D 128 12.96 -5.62 14.05
C GLU D 128 12.40 -4.20 13.96
N TYR D 129 13.19 -3.20 14.39
CA TYR D 129 12.82 -1.76 14.40
C TYR D 129 12.61 -1.26 12.97
N LEU D 130 13.53 -1.60 12.07
CA LEU D 130 13.49 -1.20 10.62
C LEU D 130 12.22 -1.76 9.96
N ASP D 131 11.69 -2.88 10.46
CA ASP D 131 10.47 -3.54 9.90
C ASP D 131 9.26 -2.61 10.08
N SER D 132 9.23 -1.81 11.15
CA SER D 132 8.12 -0.87 11.48
C SER D 132 8.42 0.54 10.96
N ASN D 133 9.42 0.70 10.09
CA ASN D 133 9.78 1.99 9.44
C ASN D 133 10.26 1.73 8.01
N LYS D 134 9.35 1.81 7.03
CA LYS D 134 9.62 1.56 5.58
C LYS D 134 10.72 2.49 5.10
N LEU D 135 10.53 3.81 5.24
CA LEU D 135 11.41 4.86 4.67
C LEU D 135 12.82 4.74 5.25
N LEU D 136 12.93 4.51 6.56
CA LEU D 136 14.23 4.40 7.27
C LEU D 136 14.99 3.17 6.75
N LYS D 137 14.29 2.06 6.50
CA LYS D 137 14.89 0.80 5.96
C LYS D 137 15.52 1.10 4.59
N SER D 138 14.82 1.83 3.73
CA SER D 138 15.28 2.18 2.35
C SER D 138 16.57 3.00 2.45
N LYS D 139 16.62 4.00 3.34
CA LYS D 139 17.82 4.83 3.63
C LYS D 139 18.99 3.92 4.05
N PHE D 140 18.74 2.95 4.92
CA PHE D 140 19.74 1.96 5.41
C PHE D 140 20.23 1.11 4.22
N ASP D 141 19.29 0.53 3.47
CA ASP D 141 19.57 -0.38 2.32
C ASP D 141 20.34 0.36 1.23
N SER D 142 20.06 1.65 1.01
CA SER D 142 20.75 2.52 0.02
C SER D 142 22.21 2.71 0.44
N LEU D 143 22.46 2.93 1.73
CA LEU D 143 23.82 3.08 2.32
C LEU D 143 24.62 1.79 2.06
N MET D 144 23.99 0.62 2.29
CA MET D 144 24.61 -0.72 2.07
C MET D 144 24.91 -0.90 0.57
N SER D 145 23.98 -0.50 -0.30
CA SER D 145 24.11 -0.60 -1.79
C SER D 145 25.34 0.18 -2.27
N LYS D 146 25.57 1.37 -1.71
CA LYS D 146 26.70 2.26 -2.07
C LYS D 146 28.03 1.60 -1.66
N ASP D 147 28.05 0.91 -0.52
CA ASP D 147 29.24 0.17 -0.02
C ASP D 147 29.68 -0.86 -1.07
N SER D 148 28.73 -1.60 -1.66
CA SER D 148 28.97 -2.61 -2.71
C SER D 148 29.50 -1.93 -3.99
N ASP D 149 28.87 -0.82 -4.40
CA ASP D 149 29.28 -0.01 -5.57
C ASP D 149 30.77 0.31 -5.49
N LYS D 150 31.25 0.70 -4.30
CA LYS D 150 32.59 1.31 -4.08
C LYS D 150 33.70 0.25 -4.07
N MET D 151 33.37 -1.03 -3.86
CA MET D 151 34.40 -2.10 -3.68
C MET D 151 34.32 -3.19 -4.76
N ILE D 152 33.32 -3.17 -5.65
CA ILE D 152 33.08 -4.29 -6.62
C ILE D 152 34.28 -4.42 -7.56
N GLU D 153 34.91 -3.31 -7.94
CA GLU D 153 36.10 -3.26 -8.82
C GLU D 153 37.30 -3.88 -8.10
N LYS D 154 37.50 -3.50 -6.83
CA LYS D 154 38.55 -4.06 -5.93
C LYS D 154 38.30 -5.56 -5.73
N LEU D 155 37.03 -5.93 -5.52
CA LEU D 155 36.58 -7.33 -5.29
C LEU D 155 36.83 -8.17 -6.55
N PHE D 156 36.65 -7.58 -7.73
CA PHE D 156 36.79 -8.24 -9.05
C PHE D 156 38.21 -8.75 -9.27
N ASN D 157 39.21 -7.91 -8.97
CA ASN D 157 40.65 -8.17 -9.26
C ASN D 157 41.25 -9.12 -8.21
N VAL D 158 40.60 -9.26 -7.05
CA VAL D 158 41.15 -10.03 -5.88
C VAL D 158 40.50 -11.42 -5.80
N TYR D 159 39.37 -11.65 -6.49
CA TYR D 159 38.63 -12.95 -6.48
C TYR D 159 37.95 -13.20 -7.83
N ASP D 160 37.98 -14.45 -8.29
CA ASP D 160 37.44 -14.90 -9.61
C ASP D 160 36.04 -15.48 -9.41
N PHE D 161 35.00 -14.66 -9.58
CA PHE D 161 33.57 -15.01 -9.40
C PHE D 161 33.02 -15.75 -10.62
N ASN D 162 33.68 -15.61 -11.77
CA ASN D 162 33.30 -16.26 -13.05
C ASN D 162 33.57 -17.77 -12.96
N GLN D 163 34.33 -18.20 -11.95
CA GLN D 163 34.69 -19.63 -11.71
C GLN D 163 33.49 -20.38 -11.12
N HIS D 164 32.47 -19.65 -10.65
CA HIS D 164 31.27 -20.20 -9.97
C HIS D 164 30.07 -20.20 -10.93
N ASP D 165 29.09 -21.08 -10.69
CA ASP D 165 27.89 -21.31 -11.53
C ASP D 165 26.67 -20.64 -10.87
N LYS D 166 26.30 -21.10 -9.68
CA LYS D 166 25.13 -20.61 -8.90
C LYS D 166 25.62 -19.89 -7.64
N ILE D 167 25.29 -18.59 -7.50
CA ILE D 167 25.77 -17.70 -6.41
C ILE D 167 24.57 -17.20 -5.60
N LEU D 168 24.61 -17.37 -4.27
CA LEU D 168 23.61 -16.83 -3.32
C LEU D 168 24.27 -15.73 -2.47
N ASP D 169 23.60 -14.58 -2.35
CA ASP D 169 24.04 -13.41 -1.54
C ASP D 169 23.19 -13.38 -0.26
N VAL D 170 23.74 -13.90 0.85
CA VAL D 170 23.04 -14.05 2.16
C VAL D 170 23.06 -12.71 2.89
N GLY D 171 21.91 -12.24 3.36
CA GLY D 171 21.73 -10.89 3.93
C GLY D 171 22.10 -9.82 2.91
N GLY D 172 21.75 -10.05 1.65
CA GLY D 172 22.14 -9.23 0.49
C GLY D 172 21.35 -7.93 0.38
N GLY D 173 20.26 -7.80 1.14
CA GLY D 173 19.41 -6.60 1.18
C GLY D 173 18.83 -6.28 -0.19
N GLU D 174 19.13 -5.12 -0.74
CA GLU D 174 18.65 -4.66 -2.08
C GLU D 174 19.30 -5.51 -3.19
N GLY D 175 20.44 -6.14 -2.91
CA GLY D 175 21.11 -7.09 -3.83
C GLY D 175 21.98 -6.36 -4.85
N ASN D 176 22.52 -5.19 -4.49
CA ASN D 176 23.37 -4.35 -5.39
C ASN D 176 24.67 -5.09 -5.71
N LEU D 177 25.19 -5.89 -4.75
CA LEU D 177 26.44 -6.66 -4.92
C LEU D 177 26.36 -7.49 -6.21
N LEU D 178 25.32 -8.33 -6.32
CA LEU D 178 25.09 -9.23 -7.48
C LEU D 178 24.67 -8.41 -8.72
N ILE D 179 23.97 -7.29 -8.51
CA ILE D 179 23.59 -6.33 -9.60
C ILE D 179 24.87 -5.83 -10.28
N ARG D 180 25.85 -5.36 -9.49
CA ARG D 180 27.15 -4.83 -10.00
C ARG D 180 28.03 -5.99 -10.48
N MET D 181 27.96 -7.16 -9.82
CA MET D 181 28.76 -8.37 -10.16
C MET D 181 28.42 -8.84 -11.57
N SER D 182 27.13 -8.88 -11.92
CA SER D 182 26.59 -9.44 -13.19
C SER D 182 27.10 -8.64 -14.40
N GLU D 183 27.40 -7.35 -14.21
CA GLU D 183 27.79 -6.39 -15.29
C GLU D 183 29.05 -6.88 -16.02
N LYS D 184 30.01 -7.48 -15.30
CA LYS D 184 31.30 -7.97 -15.87
C LYS D 184 31.31 -9.50 -15.95
N VAL D 185 30.70 -10.18 -14.98
CA VAL D 185 30.62 -11.69 -14.92
C VAL D 185 29.24 -12.13 -15.41
N LYS D 186 29.15 -12.56 -16.67
CA LYS D 186 27.90 -12.91 -17.38
C LYS D 186 27.52 -14.38 -17.14
N GLU D 187 26.24 -14.72 -17.40
CA GLU D 187 25.72 -16.11 -17.54
C GLU D 187 25.88 -16.88 -16.23
N LYS D 188 25.25 -16.39 -15.15
CA LYS D 188 25.28 -17.03 -13.81
C LYS D 188 23.86 -17.08 -13.23
N HIS D 189 23.65 -17.91 -12.20
CA HIS D 189 22.38 -18.08 -11.45
C HIS D 189 22.46 -17.31 -10.13
N TYR D 190 22.05 -16.03 -10.14
CA TYR D 190 22.12 -15.10 -8.98
C TYR D 190 20.83 -15.19 -8.15
N ALA D 191 20.97 -15.30 -6.83
CA ALA D 191 19.87 -15.28 -5.83
C ALA D 191 20.28 -14.42 -4.63
N VAL D 192 19.31 -13.84 -3.93
CA VAL D 192 19.52 -12.98 -2.73
C VAL D 192 18.55 -13.41 -1.63
N LEU D 193 19.09 -13.68 -0.42
CA LEU D 193 18.31 -14.04 0.79
C LEU D 193 18.36 -12.88 1.79
N ASP D 194 17.19 -12.36 2.19
CA ASP D 194 17.04 -11.30 3.22
C ASP D 194 15.56 -11.26 3.66
N ARG D 195 15.23 -10.42 4.64
CA ARG D 195 13.84 -10.18 5.10
C ARG D 195 13.27 -9.00 4.30
N TYR D 196 12.14 -9.20 3.63
CA TYR D 196 11.45 -8.20 2.76
C TYR D 196 9.96 -8.12 3.14
N ASN D 197 9.49 -6.92 3.46
CA ASN D 197 8.04 -6.59 3.57
C ASN D 197 7.47 -6.51 2.14
N GLU D 198 8.18 -5.81 1.26
CA GLU D 198 7.90 -5.70 -0.20
C GLU D 198 9.09 -6.27 -0.97
N LEU D 199 8.86 -7.35 -1.75
CA LEU D 199 9.93 -8.07 -2.50
C LEU D 199 10.54 -7.14 -3.55
N PRO D 200 11.88 -7.18 -3.76
CA PRO D 200 12.50 -6.47 -4.88
C PRO D 200 12.48 -7.34 -6.15
N ASP D 201 12.89 -6.75 -7.28
CA ASP D 201 12.99 -7.46 -8.59
C ASP D 201 14.06 -6.76 -9.44
N TYR D 202 14.99 -7.53 -10.01
CA TYR D 202 16.09 -7.04 -10.88
C TYR D 202 16.56 -8.18 -11.79
N GLY D 203 16.40 -8.00 -13.11
CA GLY D 203 16.80 -8.99 -14.14
C GLY D 203 16.27 -10.38 -13.83
N ASN D 204 17.17 -11.37 -13.75
CA ASN D 204 16.85 -12.79 -13.47
C ASN D 204 17.23 -13.14 -12.03
N ILE D 205 17.58 -12.14 -11.20
CA ILE D 205 18.07 -12.34 -9.80
C ILE D 205 16.87 -12.69 -8.91
N ASN D 206 16.86 -13.90 -8.36
CA ASN D 206 15.78 -14.41 -7.47
C ASN D 206 15.94 -13.78 -6.08
N PHE D 207 14.88 -13.13 -5.57
CA PHE D 207 14.83 -12.50 -4.23
C PHE D 207 13.91 -13.30 -3.32
N ILE D 208 14.47 -13.99 -2.32
CA ILE D 208 13.76 -14.89 -1.39
C ILE D 208 13.61 -14.19 -0.03
N ASP D 209 12.36 -14.04 0.44
CA ASP D 209 12.04 -13.63 1.83
C ASP D 209 12.34 -14.81 2.75
N GLY D 210 13.27 -14.66 3.69
CA GLY D 210 13.72 -15.74 4.59
C GLY D 210 14.46 -15.23 5.81
N ASP D 211 14.84 -16.15 6.70
CA ASP D 211 15.55 -15.90 7.98
C ASP D 211 16.77 -16.83 8.05
N PHE D 212 17.98 -16.28 8.05
CA PHE D 212 19.25 -17.06 8.00
C PHE D 212 19.59 -17.64 9.37
N PHE D 213 18.74 -17.44 10.38
CA PHE D 213 18.79 -18.15 11.69
C PHE D 213 18.03 -19.48 11.57
N LYS D 214 16.89 -19.47 10.86
CA LYS D 214 16.01 -20.67 10.70
C LYS D 214 16.64 -21.63 9.68
N SER D 215 16.79 -21.20 8.42
CA SER D 215 17.31 -22.05 7.31
C SER D 215 18.01 -21.21 6.23
N ILE D 216 18.83 -21.87 5.41
CA ILE D 216 19.47 -21.30 4.18
C ILE D 216 19.20 -22.27 3.03
N PRO D 217 18.75 -21.78 1.85
CA PRO D 217 18.55 -22.65 0.68
C PRO D 217 19.82 -23.37 0.22
N SER D 218 19.68 -24.63 -0.22
CA SER D 218 20.77 -25.50 -0.73
C SER D 218 20.81 -25.45 -2.26
N GLY D 219 21.93 -25.86 -2.86
CA GLY D 219 22.07 -26.07 -4.32
C GLY D 219 22.99 -25.06 -4.98
N TYR D 220 23.56 -24.12 -4.23
CA TYR D 220 24.50 -23.08 -4.72
C TYR D 220 25.93 -23.54 -4.45
N ASP D 221 26.88 -23.16 -5.33
CA ASP D 221 28.32 -23.50 -5.21
C ASP D 221 29.11 -22.32 -4.64
N LEU D 222 28.42 -21.21 -4.29
CA LEU D 222 29.02 -20.04 -3.58
C LEU D 222 27.95 -19.34 -2.75
N TYR D 223 28.21 -19.15 -1.45
CA TYR D 223 27.36 -18.39 -0.49
C TYR D 223 28.15 -17.18 0.02
N ILE D 224 27.75 -15.97 -0.41
CA ILE D 224 28.43 -14.69 -0.04
C ILE D 224 27.73 -14.12 1.21
N LEU D 225 28.51 -13.82 2.25
CA LEU D 225 28.09 -13.10 3.48
C LEU D 225 28.88 -11.80 3.58
N LYS D 226 28.34 -10.70 3.02
CA LYS D 226 28.99 -9.36 2.98
C LYS D 226 28.38 -8.47 4.07
N ASN D 227 29.20 -8.01 5.02
CA ASN D 227 28.83 -7.04 6.08
C ASN D 227 27.65 -7.59 6.91
N VAL D 228 27.64 -8.90 7.17
CA VAL D 228 26.58 -9.61 7.94
C VAL D 228 27.14 -10.05 9.30
N ILE D 229 28.30 -10.73 9.31
CA ILE D 229 28.88 -11.42 10.49
C ILE D 229 29.16 -10.41 11.62
N HIS D 230 29.63 -9.20 11.28
CA HIS D 230 30.04 -8.15 12.25
C HIS D 230 28.82 -7.53 12.96
N ASP D 231 27.60 -7.83 12.51
CA ASP D 231 26.34 -7.39 13.16
C ASP D 231 26.04 -8.23 14.41
N TRP D 232 26.66 -9.42 14.54
CA TRP D 232 26.17 -10.51 15.41
C TRP D 232 27.22 -10.91 16.46
N PRO D 233 26.78 -11.22 17.71
CA PRO D 233 27.64 -11.87 18.69
C PRO D 233 28.11 -13.25 18.19
N ASP D 234 29.22 -13.76 18.75
CA ASP D 234 29.88 -15.02 18.35
C ASP D 234 28.84 -16.13 18.12
N ASN D 235 27.94 -16.33 19.10
CA ASN D 235 26.89 -17.39 19.08
C ASN D 235 26.07 -17.31 17.78
N ASP D 236 25.61 -16.11 17.42
CA ASP D 236 24.69 -15.89 16.28
C ASP D 236 25.47 -15.97 14.96
N ALA D 237 26.75 -15.55 14.95
CA ALA D 237 27.66 -15.63 13.78
C ALA D 237 27.91 -17.09 13.41
N ILE D 238 28.08 -17.96 14.41
CA ILE D 238 28.34 -19.42 14.23
C ILE D 238 27.09 -20.09 13.65
N LEU D 239 25.90 -19.77 14.19
CA LEU D 239 24.60 -20.34 13.70
C LEU D 239 24.48 -20.06 12.20
N ILE D 240 24.65 -18.81 11.79
CA ILE D 240 24.56 -18.38 10.36
C ILE D 240 25.54 -19.23 9.53
N LEU D 241 26.80 -19.34 9.98
CA LEU D 241 27.88 -20.09 9.30
C LEU D 241 27.60 -21.61 9.35
N GLU D 242 26.95 -22.09 10.41
CA GLU D 242 26.57 -23.52 10.57
C GLU D 242 25.50 -23.86 9.53
N ASN D 243 24.51 -22.98 9.34
CA ASN D 243 23.38 -23.16 8.38
C ASN D 243 23.92 -23.18 6.95
N CYS D 244 24.95 -22.38 6.66
CA CYS D 244 25.66 -22.40 5.36
C CYS D 244 26.30 -23.77 5.15
N ARG D 245 26.97 -24.31 6.17
CA ARG D 245 27.63 -25.66 6.13
C ARG D 245 26.56 -26.76 6.03
N LYS D 246 25.45 -26.63 6.76
CA LYS D 246 24.30 -27.57 6.72
C LYS D 246 23.74 -27.65 5.29
N ALA D 247 23.40 -26.49 4.72
CA ALA D 247 22.73 -26.34 3.40
C ALA D 247 23.69 -26.76 2.27
N MET D 248 24.94 -26.27 2.30
CA MET D 248 25.97 -26.54 1.27
C MET D 248 26.44 -28.00 1.37
N GLY D 249 27.07 -28.50 0.30
CA GLY D 249 27.73 -29.82 0.26
C GLY D 249 29.23 -29.69 0.09
N ASN D 250 29.91 -30.76 -0.34
CA ASN D 250 31.36 -30.75 -0.67
C ASN D 250 31.56 -30.02 -1.99
N ASN D 251 32.74 -29.41 -2.19
CA ASN D 251 33.10 -28.59 -3.37
C ASN D 251 32.20 -27.35 -3.43
N ALA D 252 31.78 -26.84 -2.27
CA ALA D 252 31.00 -25.60 -2.11
C ALA D 252 31.83 -24.59 -1.31
N THR D 253 31.78 -23.31 -1.72
CA THR D 253 32.62 -22.20 -1.15
C THR D 253 31.71 -21.23 -0.38
N ILE D 254 32.12 -20.86 0.83
CA ILE D 254 31.60 -19.68 1.59
C ILE D 254 32.60 -18.53 1.40
N LEU D 255 32.13 -17.38 0.91
CA LEU D 255 32.98 -16.16 0.80
C LEU D 255 32.46 -15.10 1.77
N LEU D 256 33.25 -14.79 2.79
CA LEU D 256 33.00 -13.67 3.73
C LEU D 256 33.67 -12.41 3.20
N ILE D 257 32.88 -11.38 2.91
CA ILE D 257 33.35 -9.99 2.58
C ILE D 257 33.10 -9.14 3.82
N THR D 258 34.16 -8.73 4.51
CA THR D 258 34.06 -8.20 5.90
C THR D 258 35.24 -7.27 6.22
N LEU D 259 35.02 -6.34 7.14
CA LEU D 259 36.09 -5.60 7.86
C LEU D 259 36.89 -6.64 8.65
N MET D 260 38.21 -6.45 8.76
CA MET D 260 39.09 -7.34 9.57
C MET D 260 40.05 -6.48 10.41
N LYS D 261 40.35 -6.94 11.63
CA LYS D 261 41.11 -6.21 12.68
C LYS D 261 42.59 -6.61 12.62
N ASN D 266 43.67 1.06 11.06
CA ASN D 266 42.67 1.12 9.96
C ASN D 266 41.48 1.99 10.40
N ILE D 267 40.25 1.47 10.29
CA ILE D 267 38.99 2.22 10.56
C ILE D 267 38.05 1.37 11.43
N ILE D 268 38.63 0.42 12.19
CA ILE D 268 37.92 -0.65 12.93
C ILE D 268 37.16 -0.07 14.14
N LYS D 269 37.87 0.57 15.08
CA LYS D 269 37.37 0.89 16.44
C LYS D 269 36.09 1.72 16.41
N TYR D 270 35.92 2.59 15.39
CA TYR D 270 34.68 3.39 15.19
C TYR D 270 33.51 2.46 14.88
N PHE D 271 33.73 1.47 14.01
CA PHE D 271 32.73 0.42 13.65
C PHE D 271 32.44 -0.46 14.87
N ASP D 272 33.46 -0.77 15.68
CA ASP D 272 33.34 -1.64 16.88
C ASP D 272 32.23 -1.11 17.81
N ILE D 273 32.25 0.17 18.17
CA ILE D 273 31.27 0.78 19.12
C ILE D 273 29.89 0.82 18.46
N LEU D 274 29.81 1.18 17.16
CA LEU D 274 28.54 1.22 16.40
C LEU D 274 27.88 -0.16 16.47
N MET D 275 28.63 -1.22 16.11
CA MET D 275 28.14 -2.62 16.08
C MET D 275 27.68 -3.04 17.49
N ASP D 276 28.41 -2.61 18.53
CA ASP D 276 28.10 -2.91 19.95
C ASP D 276 26.74 -2.29 20.31
N VAL D 277 26.59 -0.98 20.12
CA VAL D 277 25.36 -0.20 20.44
C VAL D 277 24.19 -0.71 19.57
N SER D 278 24.44 -1.00 18.30
CA SER D 278 23.40 -1.33 17.29
C SER D 278 22.78 -2.70 17.58
N SER D 279 23.60 -3.77 17.63
CA SER D 279 23.14 -5.18 17.71
C SER D 279 24.15 -6.08 18.47
N LEU D 280 24.88 -5.52 19.44
CA LEU D 280 25.92 -6.23 20.24
C LEU D 280 26.84 -7.04 19.30
N GLY D 281 27.13 -6.51 18.11
CA GLY D 281 28.10 -7.09 17.16
C GLY D 281 29.51 -6.73 17.54
N LYS D 282 30.48 -7.01 16.67
CA LYS D 282 31.91 -6.64 16.86
C LYS D 282 32.69 -6.86 15.56
N GLU D 283 33.77 -6.09 15.38
CA GLU D 283 34.80 -6.32 14.34
C GLU D 283 35.82 -7.33 14.89
N ARG D 284 36.25 -8.28 14.06
CA ARG D 284 37.07 -9.44 14.46
C ARG D 284 38.40 -9.45 13.70
N ASP D 285 39.41 -10.11 14.26
CA ASP D 285 40.72 -10.36 13.61
C ASP D 285 40.70 -11.75 12.97
N LEU D 286 41.79 -12.15 12.30
CA LEU D 286 41.91 -13.44 11.57
C LEU D 286 41.75 -14.63 12.53
N THR D 287 42.21 -14.47 13.78
CA THR D 287 42.12 -15.51 14.84
C THR D 287 40.65 -15.70 15.25
N GLU D 288 39.90 -14.60 15.42
CA GLU D 288 38.48 -14.58 15.85
C GLU D 288 37.60 -15.18 14.74
N PHE D 289 37.92 -14.89 13.47
CA PHE D 289 37.25 -15.49 12.28
C PHE D 289 37.58 -16.99 12.20
N GLU D 290 38.86 -17.33 12.40
CA GLU D 290 39.38 -18.73 12.46
C GLU D 290 38.53 -19.53 13.46
N TYR D 291 38.25 -18.94 14.63
CA TYR D 291 37.44 -19.57 15.72
C TYR D 291 36.00 -19.79 15.24
N LEU D 292 35.35 -18.76 14.70
CA LEU D 292 33.95 -18.81 14.19
C LEU D 292 33.81 -19.94 13.16
N ALA D 293 34.77 -20.02 12.22
CA ALA D 293 34.83 -21.02 11.15
C ALA D 293 34.94 -22.42 11.74
N ASN D 294 35.91 -22.63 12.65
CA ASN D 294 36.22 -23.93 13.29
C ASN D 294 34.99 -24.45 14.03
N GLN D 295 34.27 -23.56 14.74
CA GLN D 295 33.08 -23.89 15.57
C GLN D 295 31.93 -24.39 14.68
N ALA D 296 31.82 -23.85 13.46
CA ALA D 296 30.75 -24.18 12.49
C ALA D 296 31.23 -25.28 11.52
N GLY D 297 32.37 -25.91 11.83
CA GLY D 297 32.95 -27.01 11.04
C GLY D 297 33.41 -26.57 9.66
N LEU D 298 33.91 -25.34 9.55
CA LEU D 298 34.46 -24.75 8.30
C LEU D 298 35.98 -24.58 8.46
N VAL D 299 36.69 -24.41 7.35
CA VAL D 299 38.17 -24.23 7.30
C VAL D 299 38.48 -23.06 6.35
N ILE D 300 39.34 -22.14 6.80
CA ILE D 300 39.80 -20.96 6.00
C ILE D 300 40.82 -21.45 4.97
N GLN D 301 40.44 -21.46 3.68
CA GLN D 301 41.26 -21.96 2.56
C GLN D 301 42.22 -20.85 2.10
N ASP D 302 41.77 -19.59 2.13
CA ASP D 302 42.55 -18.41 1.69
C ASP D 302 42.00 -17.13 2.37
N VAL D 303 42.87 -16.14 2.55
CA VAL D 303 42.52 -14.78 3.09
C VAL D 303 43.25 -13.74 2.22
N LYS D 304 42.49 -12.85 1.59
CA LYS D 304 43.03 -11.74 0.76
C LYS D 304 42.45 -10.41 1.26
N ASP D 305 43.21 -9.33 1.07
CA ASP D 305 42.84 -7.95 1.47
C ASP D 305 42.28 -7.21 0.25
N ILE D 306 40.99 -6.89 0.27
CA ILE D 306 40.32 -6.01 -0.74
C ILE D 306 40.85 -4.58 -0.53
N ASP D 307 40.85 -4.17 0.75
CA ASP D 307 41.31 -2.85 1.24
C ASP D 307 42.20 -3.08 2.48
N GLU D 308 42.69 -2.01 3.09
CA GLU D 308 43.43 -2.05 4.38
C GLU D 308 42.49 -2.52 5.51
N SER D 309 41.18 -2.31 5.36
CA SER D 309 40.12 -2.69 6.35
C SER D 309 39.31 -3.88 5.84
N TYR D 310 38.80 -3.83 4.61
CA TYR D 310 37.99 -4.91 3.98
C TYR D 310 38.90 -6.04 3.50
N SER D 311 38.64 -7.26 3.99
CA SER D 311 39.30 -8.52 3.57
C SER D 311 38.21 -9.50 3.09
N ILE D 312 38.55 -10.39 2.15
CA ILE D 312 37.70 -11.57 1.82
C ILE D 312 38.32 -12.79 2.53
N ILE D 313 37.47 -13.60 3.16
CA ILE D 313 37.86 -14.90 3.80
C ILE D 313 37.13 -16.03 3.07
N GLN D 314 37.90 -16.94 2.46
CA GLN D 314 37.40 -18.11 1.69
C GLN D 314 37.38 -19.32 2.62
N LEU D 315 36.19 -19.90 2.84
CA LEU D 315 35.98 -21.08 3.72
C LEU D 315 35.69 -22.32 2.85
#